data_3NX3
#
_entry.id   3NX3
#
_cell.length_a   51.11
_cell.length_b   66.16
_cell.length_c   214.34
_cell.angle_alpha   90.0
_cell.angle_beta   90.0
_cell.angle_gamma   90.0
#
_symmetry.space_group_name_H-M   'P 21 21 21'
#
loop_
_entity.id
_entity.type
_entity.pdbx_description
1 polymer 'Acetylornithine aminotransferase'
2 non-polymer 'MAGNESIUM ION'
3 water water
#
_entity_poly.entity_id   1
_entity_poly.type   'polypeptide(L)'
_entity_poly.pdbx_seq_one_letter_code
;(MSE)K(MSE)DYKEQSHIIPTYKRFDIVLEKGQGVYLFDDKAKKYLDFSSGIGVCALGYNHAKFNAKIKAQVDKLLHTS
NLYYNENIAAAAKNLAKASALERVFFTNSGTESIEGA(MSE)KTARKYAFNKGVKGGQFIAFKHSFHGRTLGALSLTANE
KYQKPFKPLISGVKFAKYNDISSVEKLVNEKTCAIILESVQGEGGINPANKDFYKALRKLCDEKDILLIADEIQCG
(MSE)GRSGKFFAYEHAQILPDI(MSE)TSAKALGCGLSVGAFVINQKVASNSLEAGDHGSTYGGNPLVCAGVNAVFEIF
KEEKILENVNKLTPYLEQSLDELINEFDFCKKRKGLGF(MSE)QGLSLDKSVKVAKVIQKCQENALLLISCGENDLRFLP
PLILQKEHIDE(MSE)SEKLRKALKSF
;
_entity_poly.pdbx_strand_id   A,B
#
# COMPACT_ATOMS: atom_id res chain seq x y z
N GLN A 8 -8.55 -0.87 15.02
CA GLN A 8 -8.24 -1.72 13.87
C GLN A 8 -8.50 -0.99 12.56
N SER A 9 -9.44 -0.05 12.59
CA SER A 9 -9.80 0.70 11.39
C SER A 9 -8.82 1.84 11.08
N HIS A 10 -8.02 2.25 12.06
CA HIS A 10 -7.15 3.41 11.88
C HIS A 10 -5.83 3.23 12.65
N ILE A 11 -5.55 4.17 13.55
CA ILE A 11 -4.32 4.14 14.33
C ILE A 11 -4.47 3.25 15.56
N ILE A 12 -3.51 2.36 15.77
CA ILE A 12 -3.55 1.40 16.88
C ILE A 12 -2.86 2.00 18.10
N PRO A 13 -3.58 2.04 19.24
CA PRO A 13 -3.08 2.63 20.49
C PRO A 13 -2.23 1.63 21.29
N THR A 14 -1.43 2.13 22.23
CA THR A 14 -0.50 1.30 23.00
C THR A 14 -1.13 0.05 23.61
N TYR A 15 -2.34 0.18 24.15
CA TYR A 15 -2.92 -0.95 24.89
C TYR A 15 -3.29 -2.13 23.99
N LYS A 16 -3.30 -1.91 22.68
CA LYS A 16 -3.60 -2.97 21.72
C LYS A 16 -2.35 -3.73 21.26
N ARG A 17 -1.18 -3.12 21.47
CA ARG A 17 0.09 -3.71 21.03
C ARG A 17 0.76 -4.46 22.17
N PHE A 18 1.71 -5.33 21.83
CA PHE A 18 2.48 -6.07 22.84
C PHE A 18 3.74 -5.31 23.23
N ASP A 19 4.10 -5.39 24.51
CA ASP A 19 5.30 -4.75 25.01
C ASP A 19 6.55 -5.58 24.68
N ILE A 20 6.74 -5.89 23.40
CA ILE A 20 7.85 -6.74 22.96
C ILE A 20 8.51 -6.11 21.75
N VAL A 21 9.82 -5.94 21.80
CA VAL A 21 10.55 -5.40 20.67
C VAL A 21 11.24 -6.54 19.93
N LEU A 22 10.77 -6.83 18.72
CA LEU A 22 11.37 -7.90 17.94
C LEU A 22 12.57 -7.38 17.16
N GLU A 23 13.59 -8.22 17.06
CA GLU A 23 14.85 -7.83 16.44
C GLU A 23 15.23 -8.71 15.26
N LYS A 24 15.08 -10.02 15.41
CA LYS A 24 15.47 -10.93 14.33
C LYS A 24 14.70 -12.22 14.45
N GLY A 25 14.86 -13.07 13.46
CA GLY A 25 14.16 -14.34 13.46
C GLY A 25 15.01 -15.40 12.80
N GLN A 26 14.70 -16.66 13.08
CA GLN A 26 15.35 -17.77 12.41
C GLN A 26 14.41 -18.97 12.35
N GLY A 27 14.04 -19.37 11.14
CA GLY A 27 13.07 -20.44 10.97
C GLY A 27 11.74 -20.05 11.58
N VAL A 28 11.20 -20.89 12.47
CA VAL A 28 9.89 -20.58 13.05
C VAL A 28 10.02 -19.76 14.33
N TYR A 29 11.24 -19.33 14.66
CA TYR A 29 11.47 -18.58 15.91
C TYR A 29 11.75 -17.08 15.69
N LEU A 30 11.22 -16.25 16.60
CA LEU A 30 11.50 -14.82 16.63
C LEU A 30 12.27 -14.50 17.90
N PHE A 31 13.15 -13.50 17.83
CA PHE A 31 13.96 -13.10 18.98
C PHE A 31 13.68 -11.65 19.33
N ASP A 32 13.45 -11.36 20.60
CA ASP A 32 13.21 -9.98 21.00
C ASP A 32 14.56 -9.31 21.28
N ASP A 33 14.53 -8.06 21.72
CA ASP A 33 15.80 -7.34 21.91
C ASP A 33 16.59 -7.83 23.11
N LYS A 34 15.98 -8.70 23.91
CA LYS A 34 16.63 -9.30 25.07
CA LYS A 34 16.65 -9.29 25.06
C LYS A 34 17.14 -10.70 24.73
N ALA A 35 17.17 -11.01 23.44
CA ALA A 35 17.59 -12.33 22.96
C ALA A 35 16.69 -13.48 23.42
N LYS A 36 15.48 -13.16 23.84
CA LYS A 36 14.51 -14.22 24.15
C LYS A 36 13.92 -14.84 22.88
N LYS A 37 13.98 -16.16 22.82
CA LYS A 37 13.52 -16.90 21.66
C LYS A 37 12.07 -17.31 21.83
N TYR A 38 11.22 -16.93 20.87
CA TYR A 38 9.81 -17.31 20.92
C TYR A 38 9.49 -18.19 19.73
N LEU A 39 8.70 -19.23 19.98
CA LEU A 39 8.07 -19.98 18.89
C LEU A 39 6.98 -19.09 18.31
N ASP A 40 7.10 -18.77 17.03
CA ASP A 40 6.12 -17.90 16.41
C ASP A 40 4.95 -18.71 15.85
N PHE A 41 3.77 -18.52 16.42
CA PHE A 41 2.64 -19.28 15.91
C PHE A 41 1.63 -18.35 15.27
N SER A 42 2.11 -17.17 14.87
CA SER A 42 1.26 -16.11 14.31
CA SER A 42 1.25 -16.12 14.32
C SER A 42 1.71 -15.64 12.93
N SER A 43 2.97 -15.90 12.60
CA SER A 43 3.52 -15.48 11.30
C SER A 43 3.39 -13.97 11.01
N GLY A 44 3.40 -13.12 12.03
CA GLY A 44 3.19 -11.70 11.77
C GLY A 44 1.79 -11.43 11.21
N ILE A 45 0.84 -12.21 11.72
CA ILE A 45 -0.55 -12.20 11.27
C ILE A 45 -0.72 -12.80 9.87
N GLY A 46 -0.18 -13.99 9.70
CA GLY A 46 -0.40 -14.75 8.49
C GLY A 46 0.44 -14.30 7.31
N VAL A 47 1.49 -13.53 7.58
CA VAL A 47 2.35 -13.00 6.52
C VAL A 47 3.56 -13.88 6.21
N CYS A 48 4.28 -14.30 7.25
CA CYS A 48 5.57 -14.92 7.05
C CYS A 48 5.48 -16.43 6.88
N ALA A 49 4.92 -16.84 5.74
CA ALA A 49 4.70 -18.26 5.43
C ALA A 49 5.96 -19.10 5.48
N LEU A 50 7.10 -18.50 5.12
CA LEU A 50 8.36 -19.23 5.08
C LEU A 50 9.18 -19.01 6.35
N GLY A 51 8.55 -18.47 7.38
CA GLY A 51 9.22 -18.17 8.63
C GLY A 51 10.22 -17.05 8.48
N TYR A 52 11.31 -17.12 9.23
CA TYR A 52 12.26 -16.00 9.29
C TYR A 52 13.64 -16.32 8.78
N ASN A 53 14.21 -15.37 8.06
CA ASN A 53 15.53 -15.57 7.47
C ASN A 53 15.66 -16.90 6.75
N HIS A 54 14.67 -17.18 5.90
CA HIS A 54 14.72 -18.35 5.05
C HIS A 54 15.87 -18.11 4.06
N ALA A 55 16.84 -19.02 4.02
CA ALA A 55 18.06 -18.79 3.24
C ALA A 55 17.79 -18.56 1.77
N LYS A 56 16.91 -19.38 1.20
CA LYS A 56 16.59 -19.30 -0.22
C LYS A 56 15.86 -18.01 -0.55
N PHE A 57 14.89 -17.67 0.28
CA PHE A 57 14.12 -16.44 0.09
C PHE A 57 15.04 -15.22 0.18
N ASN A 58 15.83 -15.15 1.25
CA ASN A 58 16.73 -14.01 1.45
C ASN A 58 17.75 -13.85 0.33
N ALA A 59 18.28 -14.96 -0.17
CA ALA A 59 19.20 -14.91 -1.32
C ALA A 59 18.53 -14.27 -2.54
N LYS A 60 17.31 -14.70 -2.86
CA LYS A 60 16.64 -14.14 -4.02
C LYS A 60 16.31 -12.66 -3.85
N ILE A 61 15.94 -12.26 -2.63
CA ILE A 61 15.68 -10.86 -2.35
C ILE A 61 16.96 -10.01 -2.47
N LYS A 62 18.03 -10.47 -1.86
CA LYS A 62 19.29 -9.73 -1.92
C LYS A 62 19.83 -9.60 -3.34
N ALA A 63 19.70 -10.66 -4.13
CA ALA A 63 20.14 -10.61 -5.52
C ALA A 63 19.37 -9.54 -6.30
N GLN A 64 18.08 -9.40 -6.01
CA GLN A 64 17.30 -8.38 -6.72
C GLN A 64 17.60 -6.96 -6.22
N VAL A 65 17.88 -6.82 -4.93
CA VAL A 65 18.30 -5.54 -4.39
C VAL A 65 19.49 -4.98 -5.19
N ASP A 66 20.44 -5.85 -5.53
CA ASP A 66 21.62 -5.43 -6.29
C ASP A 66 21.38 -5.25 -7.80
N LYS A 67 20.14 -5.40 -8.23
CA LYS A 67 19.81 -5.35 -9.64
C LYS A 67 18.93 -4.13 -9.93
N LEU A 68 17.70 -4.14 -9.41
CA LEU A 68 16.80 -3.00 -9.59
C LEU A 68 15.68 -3.09 -8.53
N LEU A 69 15.37 -1.98 -7.86
CA LEU A 69 14.29 -1.98 -6.87
C LEU A 69 12.95 -1.58 -7.48
N HIS A 70 13.00 -0.61 -8.40
CA HIS A 70 11.81 0.08 -8.83
C HIS A 70 11.94 0.57 -10.26
N THR A 71 10.87 0.41 -11.06
CA THR A 71 10.86 0.92 -12.44
C THR A 71 9.77 1.95 -12.75
N SER A 72 8.67 1.88 -12.01
CA SER A 72 7.40 2.54 -12.36
C SER A 72 6.65 1.70 -13.39
N ASN A 73 5.34 1.92 -13.48
CA ASN A 73 4.46 1.19 -14.38
C ASN A 73 4.69 1.51 -15.87
N LEU A 74 5.53 2.50 -16.15
CA LEU A 74 5.76 2.92 -17.53
C LEU A 74 6.68 1.98 -18.32
N TYR A 75 7.33 1.05 -17.61
CA TYR A 75 8.30 0.16 -18.24
C TYR A 75 7.98 -1.28 -17.88
N TYR A 76 8.49 -2.20 -18.69
CA TYR A 76 8.40 -3.64 -18.42
C TYR A 76 9.58 -4.11 -17.57
N ASN A 77 9.33 -5.15 -16.79
CA ASN A 77 10.41 -5.82 -16.08
C ASN A 77 10.07 -7.32 -16.05
N GLU A 78 11.06 -8.16 -16.36
CA GLU A 78 10.85 -9.60 -16.46
CA GLU A 78 10.84 -9.60 -16.46
C GLU A 78 10.34 -10.22 -15.15
N ASN A 79 10.82 -9.70 -14.01
CA ASN A 79 10.37 -10.24 -12.72
C ASN A 79 8.86 -10.11 -12.57
N ILE A 80 8.33 -8.97 -13.00
CA ILE A 80 6.91 -8.72 -12.85
C ILE A 80 6.09 -9.65 -13.73
N ALA A 81 6.51 -9.81 -14.98
CA ALA A 81 5.85 -10.76 -15.89
C ALA A 81 5.86 -12.18 -15.33
N ALA A 82 7.00 -12.61 -14.79
CA ALA A 82 7.10 -13.98 -14.25
C ALA A 82 6.21 -14.17 -13.00
N ALA A 83 6.14 -13.14 -12.16
CA ALA A 83 5.32 -13.21 -10.96
C ALA A 83 3.83 -13.26 -11.31
N ALA A 84 3.41 -12.46 -12.29
CA ALA A 84 2.03 -12.50 -12.75
C ALA A 84 1.68 -13.89 -13.32
N LYS A 85 2.58 -14.46 -14.11
CA LYS A 85 2.37 -15.79 -14.66
C LYS A 85 2.21 -16.82 -13.54
N ASN A 86 3.10 -16.77 -12.55
CA ASN A 86 2.98 -17.64 -11.39
C ASN A 86 1.65 -17.51 -10.67
N LEU A 87 1.21 -16.28 -10.43
CA LEU A 87 -0.01 -16.07 -9.66
C LEU A 87 -1.26 -16.41 -10.47
N ALA A 88 -1.22 -16.12 -11.78
CA ALA A 88 -2.33 -16.46 -12.68
C ALA A 88 -2.52 -17.97 -12.67
N LYS A 89 -1.41 -18.70 -12.75
CA LYS A 89 -1.49 -20.16 -12.78
C LYS A 89 -2.04 -20.68 -11.46
N ALA A 90 -1.52 -20.17 -10.35
CA ALA A 90 -1.94 -20.66 -9.05
C ALA A 90 -3.40 -20.32 -8.70
N SER A 91 -3.87 -19.15 -9.11
CA SER A 91 -5.23 -18.70 -8.80
C SER A 91 -6.22 -19.29 -9.79
N ALA A 92 -5.70 -19.68 -10.96
CA ALA A 92 -6.49 -20.15 -12.09
C ALA A 92 -7.36 -19.05 -12.70
N LEU A 93 -7.00 -17.81 -12.42
CA LEU A 93 -7.62 -16.68 -13.12
C LEU A 93 -6.63 -16.18 -14.19
N GLU A 94 -6.97 -15.11 -14.89
CA GLU A 94 -6.28 -14.73 -16.12
C GLU A 94 -5.33 -13.52 -16.01
N ARG A 95 -5.82 -12.39 -15.48
CA ARG A 95 -5.05 -11.14 -15.50
C ARG A 95 -4.73 -10.64 -14.09
N VAL A 96 -3.44 -10.44 -13.83
CA VAL A 96 -2.96 -10.00 -12.52
C VAL A 96 -2.66 -8.51 -12.50
N PHE A 97 -3.05 -7.87 -11.41
CA PHE A 97 -2.76 -6.46 -11.19
C PHE A 97 -2.11 -6.39 -9.82
N PHE A 98 -0.81 -6.11 -9.76
CA PHE A 98 -0.10 -6.00 -8.47
C PHE A 98 -0.34 -4.66 -7.78
N THR A 99 -0.39 -4.69 -6.46
CA THR A 99 -0.58 -3.48 -5.66
C THR A 99 0.45 -3.56 -4.55
N ASN A 100 0.41 -2.61 -3.62
CA ASN A 100 1.35 -2.60 -2.48
C ASN A 100 0.83 -3.25 -1.20
N SER A 101 -0.43 -3.66 -1.20
CA SER A 101 -1.03 -4.15 0.03
C SER A 101 -2.37 -4.82 -0.20
N GLY A 102 -2.86 -5.48 0.83
CA GLY A 102 -4.17 -6.11 0.80
C GLY A 102 -5.28 -5.08 0.59
N THR A 103 -5.27 -4.01 1.37
CA THR A 103 -6.34 -3.06 1.25
C THR A 103 -6.37 -2.42 -0.16
N GLU A 104 -5.20 -2.23 -0.77
CA GLU A 104 -5.16 -1.64 -2.12
C GLU A 104 -5.74 -2.63 -3.12
N SER A 105 -5.51 -3.92 -2.90
CA SER A 105 -6.06 -4.94 -3.77
CA SER A 105 -6.07 -4.90 -3.80
C SER A 105 -7.58 -4.95 -3.65
N ILE A 106 -8.09 -4.76 -2.43
CA ILE A 106 -9.54 -4.70 -2.23
C ILE A 106 -10.12 -3.51 -3.01
N GLU A 107 -9.44 -2.36 -2.95
CA GLU A 107 -9.89 -1.18 -3.68
C GLU A 107 -9.90 -1.44 -5.19
N GLY A 108 -8.87 -2.11 -5.68
CA GLY A 108 -8.80 -2.46 -7.10
C GLY A 108 -9.94 -3.35 -7.53
N ALA A 109 -10.26 -4.35 -6.69
CA ALA A 109 -11.35 -5.26 -6.96
C ALA A 109 -12.68 -4.53 -7.01
N LYS A 111 -13.21 -1.30 -7.66
CA LYS A 111 -13.23 -0.46 -8.85
C LYS A 111 -13.51 -1.29 -10.08
N THR A 112 -12.83 -2.43 -10.19
CA THR A 112 -13.03 -3.32 -11.31
C THR A 112 -14.49 -3.77 -11.40
N ALA A 113 -15.07 -4.15 -10.26
CA ALA A 113 -16.46 -4.61 -10.28
C ALA A 113 -17.41 -3.48 -10.66
N ARG A 114 -17.12 -2.28 -10.17
CA ARG A 114 -17.94 -1.11 -10.50
C ARG A 114 -17.87 -0.82 -11.99
N LYS A 115 -16.69 -0.98 -12.56
CA LYS A 115 -16.51 -0.66 -13.98
C LYS A 115 -17.16 -1.72 -14.85
N TYR A 116 -17.05 -2.97 -14.44
CA TYR A 116 -17.71 -4.07 -15.14
C TYR A 116 -19.19 -3.75 -15.25
N ALA A 117 -19.80 -3.33 -14.14
CA ALA A 117 -21.22 -3.00 -14.14
C ALA A 117 -21.52 -1.78 -15.00
N PHE A 118 -20.68 -0.77 -14.87
CA PHE A 118 -20.86 0.49 -15.58
C PHE A 118 -20.84 0.24 -17.09
N ASN A 119 -19.99 -0.68 -17.53
CA ASN A 119 -19.87 -0.98 -18.95
C ASN A 119 -21.05 -1.77 -19.49
N LYS A 120 -21.81 -2.38 -18.59
CA LYS A 120 -23.07 -3.00 -18.96
C LYS A 120 -24.24 -2.03 -18.74
N GLY A 121 -23.92 -0.76 -18.51
CA GLY A 121 -24.94 0.26 -18.35
C GLY A 121 -25.58 0.30 -16.97
N VAL A 122 -24.92 -0.34 -16.00
CA VAL A 122 -25.36 -0.30 -14.61
C VAL A 122 -24.46 0.66 -13.84
N LYS A 123 -24.96 1.85 -13.56
CA LYS A 123 -24.18 2.87 -12.84
C LYS A 123 -24.30 2.69 -11.33
N GLY A 124 -23.21 2.91 -10.61
CA GLY A 124 -23.22 2.87 -9.17
C GLY A 124 -23.41 1.48 -8.61
N GLY A 125 -22.75 0.51 -9.23
CA GLY A 125 -22.81 -0.88 -8.81
C GLY A 125 -22.67 -1.07 -7.31
N GLN A 126 -23.56 -1.87 -6.73
CA GLN A 126 -23.59 -2.07 -5.29
C GLN A 126 -22.90 -3.37 -4.89
N PHE A 127 -22.53 -3.46 -3.63
CA PHE A 127 -21.75 -4.57 -3.12
C PHE A 127 -22.50 -5.24 -1.99
N ILE A 128 -22.47 -6.56 -1.99
CA ILE A 128 -22.88 -7.31 -0.82
C ILE A 128 -21.62 -7.87 -0.14
N ALA A 129 -21.44 -7.54 1.13
CA ALA A 129 -20.35 -8.12 1.93
C ALA A 129 -20.99 -8.81 3.12
N PHE A 130 -20.17 -9.28 4.06
CA PHE A 130 -20.68 -10.10 5.16
C PHE A 130 -20.34 -9.56 6.53
N LYS A 131 -21.29 -9.64 7.44
CA LYS A 131 -21.07 -9.25 8.82
C LYS A 131 -19.93 -10.06 9.41
N HIS A 132 -19.15 -9.44 10.30
CA HIS A 132 -18.04 -10.09 10.98
C HIS A 132 -16.81 -10.26 10.10
N SER A 133 -16.75 -9.50 9.01
CA SER A 133 -15.55 -9.50 8.18
C SER A 133 -14.88 -8.14 8.21
N PHE A 134 -13.59 -8.13 7.91
CA PHE A 134 -12.83 -6.90 7.79
C PHE A 134 -11.97 -7.04 6.54
N HIS A 135 -11.97 -6.02 5.69
CA HIS A 135 -11.24 -6.12 4.43
C HIS A 135 -10.11 -5.10 4.27
N GLY A 136 -10.01 -4.13 5.17
CA GLY A 136 -8.97 -3.12 5.02
C GLY A 136 -9.33 -1.77 5.60
N ARG A 137 -8.31 -0.94 5.78
CA ARG A 137 -8.45 0.37 6.44
C ARG A 137 -8.66 1.54 5.47
N THR A 138 -8.39 1.38 4.19
CA THR A 138 -8.60 2.50 3.27
C THR A 138 -10.12 2.66 3.05
N LEU A 139 -10.57 3.84 2.60
CA LEU A 139 -12.00 4.17 2.68
C LEU A 139 -12.93 3.26 1.85
N GLY A 140 -12.45 2.77 0.71
CA GLY A 140 -13.22 1.82 -0.05
C GLY A 140 -13.38 0.52 0.71
N ALA A 141 -12.24 -0.03 1.13
CA ALA A 141 -12.26 -1.30 1.85
C ALA A 141 -13.02 -1.16 3.16
N LEU A 142 -12.90 -0.02 3.82
CA LEU A 142 -13.54 0.18 5.12
C LEU A 142 -15.06 0.19 4.98
N SER A 143 -15.55 0.56 3.80
CA SER A 143 -16.98 0.56 3.51
C SER A 143 -17.53 -0.87 3.51
N LEU A 144 -16.64 -1.85 3.40
CA LEU A 144 -17.05 -3.25 3.36
C LEU A 144 -17.13 -3.94 4.73
N THR A 145 -16.97 -3.18 5.81
CA THR A 145 -17.18 -3.76 7.15
C THR A 145 -18.49 -3.29 7.79
N ALA A 146 -19.27 -4.24 8.31
CA ALA A 146 -20.59 -3.93 8.86
C ALA A 146 -20.52 -3.25 10.23
N ASN A 147 -19.41 -3.45 10.93
CA ASN A 147 -19.31 -2.92 12.28
C ASN A 147 -19.27 -1.39 12.31
N GLU A 148 -20.38 -0.79 12.72
CA GLU A 148 -20.47 0.66 12.75
CA GLU A 148 -20.49 0.66 12.78
C GLU A 148 -19.33 1.29 13.54
N LYS A 149 -18.73 0.51 14.44
CA LYS A 149 -17.64 1.00 15.27
C LYS A 149 -16.40 1.38 14.47
N TYR A 150 -16.08 0.59 13.44
CA TYR A 150 -14.89 0.82 12.64
C TYR A 150 -15.10 1.99 11.67
N GLN A 151 -16.35 2.40 11.51
CA GLN A 151 -16.69 3.36 10.47
C GLN A 151 -17.05 4.74 11.03
N LYS A 152 -17.67 4.73 12.21
CA LYS A 152 -18.39 5.89 12.73
C LYS A 152 -17.77 7.27 12.44
N PRO A 153 -16.56 7.53 12.97
CA PRO A 153 -16.03 8.88 12.79
C PRO A 153 -15.67 9.24 11.34
N PHE A 154 -15.57 8.25 10.45
CA PHE A 154 -15.10 8.50 9.10
C PHE A 154 -16.21 8.64 8.06
N LYS A 155 -17.46 8.42 8.49
CA LYS A 155 -18.60 8.52 7.58
C LYS A 155 -18.79 9.94 7.07
N PRO A 156 -19.42 10.09 5.90
CA PRO A 156 -19.95 9.00 5.09
C PRO A 156 -18.87 8.31 4.26
N LEU A 157 -19.01 6.99 4.10
CA LEU A 157 -18.05 6.21 3.34
C LEU A 157 -18.62 5.94 1.96
N ILE A 158 -18.22 4.83 1.35
CA ILE A 158 -18.79 4.50 0.04
C ILE A 158 -20.17 3.90 0.24
N SER A 159 -21.19 4.57 -0.32
CA SER A 159 -22.54 4.05 -0.21
C SER A 159 -22.71 2.93 -1.23
N GLY A 160 -23.71 2.09 -1.02
CA GLY A 160 -23.99 1.01 -1.95
C GLY A 160 -23.48 -0.32 -1.46
N VAL A 161 -23.27 -0.43 -0.15
CA VAL A 161 -22.83 -1.70 0.42
C VAL A 161 -23.90 -2.19 1.38
N LYS A 162 -24.25 -3.47 1.27
CA LYS A 162 -25.21 -4.08 2.18
C LYS A 162 -24.60 -5.33 2.77
N PHE A 163 -25.00 -5.70 3.98
CA PHE A 163 -24.35 -6.77 4.70
C PHE A 163 -25.24 -8.01 4.93
N ALA A 164 -24.77 -9.14 4.44
CA ALA A 164 -25.45 -10.41 4.65
C ALA A 164 -24.79 -11.20 5.77
N LYS A 165 -25.34 -12.37 6.02
CA LYS A 165 -24.86 -13.27 7.06
C LYS A 165 -23.99 -14.36 6.41
N TYR A 166 -22.78 -14.51 6.94
CA TYR A 166 -21.81 -15.44 6.40
C TYR A 166 -22.36 -16.86 6.50
N ASN A 167 -22.18 -17.63 5.43
CA ASN A 167 -22.72 -19.00 5.33
C ASN A 167 -24.25 -19.13 5.26
N ASP A 168 -24.94 -18.02 5.00
CA ASP A 168 -26.39 -17.97 4.94
C ASP A 168 -26.83 -17.44 3.57
N ILE A 169 -27.08 -18.37 2.64
CA ILE A 169 -27.39 -17.99 1.26
C ILE A 169 -28.68 -17.17 1.16
N SER A 170 -29.68 -17.49 1.98
CA SER A 170 -30.94 -16.74 1.92
C SER A 170 -30.77 -15.25 2.29
N SER A 171 -29.82 -14.95 3.16
CA SER A 171 -29.54 -13.57 3.54
C SER A 171 -28.88 -12.82 2.39
N VAL A 172 -28.17 -13.56 1.54
CA VAL A 172 -27.58 -12.94 0.35
C VAL A 172 -28.65 -12.68 -0.71
N GLU A 173 -29.45 -13.69 -1.00
CA GLU A 173 -30.47 -13.56 -2.05
C GLU A 173 -31.41 -12.39 -1.79
N LYS A 174 -31.75 -12.20 -0.51
CA LYS A 174 -32.64 -11.15 -0.06
C LYS A 174 -32.14 -9.74 -0.43
N LEU A 175 -30.82 -9.59 -0.53
CA LEU A 175 -30.25 -8.26 -0.75
C LEU A 175 -29.89 -7.98 -2.20
N VAL A 176 -29.94 -9.02 -3.04
CA VAL A 176 -29.57 -8.85 -4.44
C VAL A 176 -30.61 -8.05 -5.20
N ASN A 177 -30.16 -7.19 -6.10
CA ASN A 177 -31.06 -6.56 -7.06
C ASN A 177 -30.35 -6.22 -8.37
N GLU A 178 -31.06 -5.57 -9.29
CA GLU A 178 -30.51 -5.24 -10.60
CA GLU A 178 -30.50 -5.26 -10.60
C GLU A 178 -29.22 -4.42 -10.53
N LYS A 179 -29.02 -3.74 -9.40
CA LYS A 179 -27.84 -2.87 -9.23
C LYS A 179 -26.64 -3.59 -8.59
N THR A 180 -26.84 -4.78 -8.07
CA THR A 180 -25.73 -5.49 -7.41
C THR A 180 -24.65 -5.83 -8.43
N CYS A 181 -23.42 -5.39 -8.17
CA CYS A 181 -22.34 -5.70 -9.09
C CYS A 181 -21.40 -6.79 -8.58
N ALA A 182 -21.34 -6.99 -7.27
CA ALA A 182 -20.43 -7.98 -6.70
C ALA A 182 -20.85 -8.45 -5.32
N ILE A 183 -20.56 -9.72 -5.04
CA ILE A 183 -20.61 -10.26 -3.69
C ILE A 183 -19.16 -10.54 -3.29
N ILE A 184 -18.74 -10.03 -2.15
CA ILE A 184 -17.37 -10.18 -1.71
C ILE A 184 -17.32 -10.90 -0.38
N LEU A 185 -16.53 -11.95 -0.31
CA LEU A 185 -16.34 -12.64 0.96
C LEU A 185 -14.88 -13.02 1.17
N GLU A 186 -14.48 -13.02 2.45
CA GLU A 186 -13.24 -13.67 2.84
C GLU A 186 -13.52 -15.16 2.76
N SER A 187 -12.60 -15.93 2.21
CA SER A 187 -12.83 -17.38 2.13
C SER A 187 -12.83 -18.03 3.50
N VAL A 188 -12.12 -17.41 4.44
CA VAL A 188 -12.19 -17.76 5.85
C VAL A 188 -12.28 -16.47 6.66
N GLN A 189 -13.41 -16.25 7.33
CA GLN A 189 -13.55 -15.06 8.18
C GLN A 189 -12.64 -15.12 9.40
N GLY A 190 -12.37 -13.95 9.97
CA GLY A 190 -11.58 -13.85 11.17
C GLY A 190 -12.13 -12.88 12.20
N GLU A 191 -12.64 -11.74 11.75
CA GLU A 191 -13.00 -10.65 12.65
C GLU A 191 -13.86 -11.10 13.83
N GLY A 192 -14.88 -11.88 13.54
CA GLY A 192 -15.78 -12.38 14.57
C GLY A 192 -15.39 -13.77 15.04
N GLY A 193 -14.14 -14.14 14.77
CA GLY A 193 -13.63 -15.47 15.06
C GLY A 193 -13.30 -16.21 13.76
N ILE A 194 -12.41 -17.19 13.84
CA ILE A 194 -12.06 -17.96 12.63
C ILE A 194 -13.29 -18.75 12.18
N ASN A 195 -13.65 -18.59 10.92
CA ASN A 195 -14.90 -19.17 10.43
C ASN A 195 -14.83 -19.42 8.92
N PRO A 196 -14.47 -20.65 8.54
CA PRO A 196 -14.35 -20.95 7.10
C PRO A 196 -15.69 -20.93 6.37
N ALA A 197 -15.68 -20.41 5.15
CA ALA A 197 -16.84 -20.55 4.28
C ALA A 197 -17.11 -22.01 4.02
N ASN A 198 -18.37 -22.43 4.14
CA ASN A 198 -18.73 -23.81 3.84
C ASN A 198 -18.60 -24.06 2.36
N LYS A 199 -18.22 -25.28 1.99
CA LYS A 199 -18.15 -25.65 0.57
C LYS A 199 -19.49 -25.43 -0.13
N ASP A 200 -20.59 -25.84 0.52
CA ASP A 200 -21.93 -25.67 -0.04
C ASP A 200 -22.29 -24.19 -0.26
N PHE A 201 -21.86 -23.34 0.66
CA PHE A 201 -22.12 -21.91 0.55
C PHE A 201 -21.32 -21.29 -0.61
N TYR A 202 -20.04 -21.63 -0.75
CA TYR A 202 -19.27 -21.15 -1.90
C TYR A 202 -19.89 -21.60 -3.22
N LYS A 203 -20.38 -22.83 -3.27
CA LYS A 203 -21.01 -23.33 -4.50
C LYS A 203 -22.31 -22.60 -4.78
N ALA A 204 -23.11 -22.34 -3.75
CA ALA A 204 -24.36 -21.61 -3.91
C ALA A 204 -24.11 -20.19 -4.40
N LEU A 205 -23.05 -19.57 -3.89
CA LEU A 205 -22.69 -18.22 -4.32
C LEU A 205 -22.24 -18.20 -5.77
N ARG A 206 -21.44 -19.19 -6.16
CA ARG A 206 -20.97 -19.26 -7.54
C ARG A 206 -22.16 -19.39 -8.50
N LYS A 207 -23.13 -20.23 -8.13
CA LYS A 207 -24.33 -20.40 -8.94
C LYS A 207 -25.18 -19.13 -9.01
N LEU A 208 -25.34 -18.46 -7.87
CA LEU A 208 -26.10 -17.24 -7.82
C LEU A 208 -25.43 -16.18 -8.69
N CYS A 209 -24.12 -16.10 -8.60
CA CYS A 209 -23.40 -15.10 -9.36
C CYS A 209 -23.47 -15.39 -10.86
N ASP A 210 -23.40 -16.66 -11.23
CA ASP A 210 -23.57 -17.04 -12.64
C ASP A 210 -24.94 -16.61 -13.16
N GLU A 211 -25.98 -16.92 -12.40
CA GLU A 211 -27.34 -16.68 -12.85
C GLU A 211 -27.67 -15.20 -13.00
N LYS A 212 -27.12 -14.39 -12.11
CA LYS A 212 -27.45 -12.95 -12.08
C LYS A 212 -26.38 -12.02 -12.66
N ASP A 213 -25.32 -12.60 -13.22
CA ASP A 213 -24.18 -11.82 -13.72
C ASP A 213 -23.69 -10.84 -12.65
N ILE A 214 -23.48 -11.37 -11.46
CA ILE A 214 -22.89 -10.62 -10.36
C ILE A 214 -21.48 -11.18 -10.20
N LEU A 215 -20.49 -10.32 -9.97
CA LEU A 215 -19.12 -10.81 -9.80
C LEU A 215 -18.88 -11.41 -8.42
N LEU A 216 -18.36 -12.63 -8.38
CA LEU A 216 -17.96 -13.23 -7.12
C LEU A 216 -16.52 -12.82 -6.81
N ILE A 217 -16.32 -12.14 -5.70
CA ILE A 217 -14.97 -11.70 -5.32
C ILE A 217 -14.50 -12.45 -4.09
N ALA A 218 -13.45 -13.24 -4.25
CA ALA A 218 -12.88 -14.01 -3.16
C ALA A 218 -11.69 -13.25 -2.56
N ASP A 219 -11.83 -12.83 -1.32
CA ASP A 219 -10.75 -12.18 -0.60
C ASP A 219 -9.93 -13.27 0.08
N GLU A 220 -8.76 -13.54 -0.50
CA GLU A 220 -7.85 -14.57 0.02
C GLU A 220 -6.64 -13.94 0.70
N ILE A 221 -6.77 -12.70 1.16
CA ILE A 221 -5.61 -12.03 1.75
C ILE A 221 -5.12 -12.77 3.00
N GLN A 222 -6.04 -13.23 3.85
CA GLN A 222 -5.64 -13.83 5.12
C GLN A 222 -5.37 -15.33 4.99
N CYS A 223 -6.11 -15.99 4.10
CA CYS A 223 -6.13 -17.45 4.07
C CYS A 223 -5.42 -18.00 2.84
N GLY A 224 -4.98 -17.11 1.96
CA GLY A 224 -4.42 -17.53 0.69
C GLY A 224 -2.93 -17.84 0.76
N GLY A 226 -1.32 -20.75 0.27
CA GLY A 226 -0.91 -22.03 0.83
C GLY A 226 -1.43 -22.38 2.21
N ARG A 227 -1.95 -21.39 2.94
CA ARG A 227 -2.24 -21.64 4.36
C ARG A 227 -3.35 -22.71 4.52
N SER A 228 -4.20 -22.84 3.51
CA SER A 228 -5.32 -23.80 3.59
C SER A 228 -4.89 -25.21 3.14
N GLY A 229 -3.67 -25.34 2.62
CA GLY A 229 -3.22 -26.63 2.10
C GLY A 229 -3.42 -26.72 0.60
N LYS A 230 -4.08 -25.72 0.05
CA LYS A 230 -4.10 -25.47 -1.39
C LYS A 230 -3.64 -24.04 -1.56
N PHE A 231 -3.27 -23.63 -2.76
CA PHE A 231 -2.83 -22.24 -2.90
C PHE A 231 -3.88 -21.30 -2.37
N PHE A 232 -5.12 -21.49 -2.82
CA PHE A 232 -6.22 -20.64 -2.36
C PHE A 232 -7.39 -21.44 -1.80
N ALA A 233 -7.95 -20.94 -0.72
CA ALA A 233 -8.97 -21.67 0.02
C ALA A 233 -10.21 -21.95 -0.82
N TYR A 234 -10.55 -21.05 -1.74
CA TYR A 234 -11.72 -21.35 -2.60
C TYR A 234 -11.54 -22.61 -3.42
N GLU A 235 -10.30 -23.06 -3.59
CA GLU A 235 -10.07 -24.32 -4.29
C GLU A 235 -10.72 -25.51 -3.58
N HIS A 236 -10.79 -25.46 -2.26
CA HIS A 236 -11.45 -26.53 -1.51
C HIS A 236 -12.93 -26.70 -1.90
N ALA A 237 -13.56 -25.62 -2.36
CA ALA A 237 -14.97 -25.67 -2.74
C ALA A 237 -15.13 -25.98 -4.23
N GLN A 238 -14.00 -26.11 -4.93
CA GLN A 238 -14.03 -26.41 -6.36
C GLN A 238 -14.85 -25.41 -7.16
N ILE A 239 -14.71 -24.14 -6.80
CA ILE A 239 -15.27 -23.07 -7.60
C ILE A 239 -14.14 -22.13 -7.95
N LEU A 240 -14.39 -21.24 -8.90
CA LEU A 240 -13.47 -20.16 -9.22
C LEU A 240 -14.23 -18.85 -9.12
N PRO A 241 -13.64 -17.86 -8.44
CA PRO A 241 -14.28 -16.53 -8.36
C PRO A 241 -14.03 -15.77 -9.65
N ASP A 242 -14.69 -14.61 -9.80
CA ASP A 242 -14.47 -13.77 -10.96
C ASP A 242 -13.28 -12.83 -10.69
N ILE A 243 -13.10 -12.48 -9.43
CA ILE A 243 -11.96 -11.67 -8.99
C ILE A 243 -11.50 -12.23 -7.66
N THR A 245 -8.49 -11.45 -4.38
CA THR A 245 -7.43 -10.62 -3.85
C THR A 245 -6.47 -11.46 -3.03
N SER A 246 -5.20 -11.08 -3.06
CA SER A 246 -4.19 -11.79 -2.31
C SER A 246 -3.15 -10.76 -1.83
N ALA A 247 -2.54 -11.04 -0.70
CA ALA A 247 -1.45 -10.20 -0.20
C ALA A 247 -0.76 -11.00 0.89
N LYS A 248 -0.11 -10.31 1.83
CA LYS A 248 0.50 -11.01 2.97
C LYS A 248 1.48 -12.10 2.55
N ALA A 249 1.09 -13.37 2.61
CA ALA A 249 2.06 -14.42 2.25
C ALA A 249 2.46 -14.37 0.78
N LEU A 250 1.73 -13.62 -0.02
CA LEU A 250 2.10 -13.46 -1.43
C LEU A 250 3.55 -12.95 -1.52
N GLY A 251 3.94 -12.13 -0.55
CA GLY A 251 5.26 -11.57 -0.51
C GLY A 251 6.13 -12.04 0.66
N CYS A 252 5.56 -12.90 1.50
CA CYS A 252 6.26 -13.46 2.68
C CYS A 252 7.07 -12.43 3.44
N GLY A 253 6.49 -11.24 3.66
CA GLY A 253 7.17 -10.22 4.42
C GLY A 253 7.40 -8.94 3.65
N LEU A 254 7.50 -9.04 2.32
CA LEU A 254 7.61 -7.87 1.46
C LEU A 254 6.22 -7.31 1.15
N SER A 255 6.14 -5.99 1.01
CA SER A 255 4.87 -5.31 0.79
C SER A 255 4.31 -5.49 -0.62
N VAL A 256 3.40 -6.44 -0.79
CA VAL A 256 2.83 -6.64 -2.11
C VAL A 256 1.45 -7.21 -1.99
N GLY A 257 0.61 -6.86 -2.93
CA GLY A 257 -0.76 -7.32 -2.96
C GLY A 257 -1.19 -7.45 -4.39
N ALA A 258 -2.28 -8.16 -4.63
CA ALA A 258 -2.79 -8.27 -5.98
C ALA A 258 -4.27 -8.55 -6.04
N PHE A 259 -4.88 -8.14 -7.14
CA PHE A 259 -6.25 -8.49 -7.43
C PHE A 259 -6.14 -9.14 -8.81
N VAL A 260 -6.74 -10.31 -8.94
CA VAL A 260 -6.68 -11.09 -10.16
C VAL A 260 -8.09 -11.27 -10.68
N ILE A 261 -8.27 -11.10 -11.97
CA ILE A 261 -9.58 -11.19 -12.58
C ILE A 261 -9.61 -12.21 -13.70
N ASN A 262 -10.77 -12.82 -13.90
CA ASN A 262 -10.92 -13.80 -14.99
C ASN A 262 -11.14 -13.14 -16.35
N GLN A 263 -11.23 -13.96 -17.38
CA GLN A 263 -11.33 -13.48 -18.75
C GLN A 263 -12.65 -12.74 -18.97
N LYS A 264 -13.73 -13.22 -18.34
CA LYS A 264 -15.01 -12.54 -18.47
C LYS A 264 -14.92 -11.09 -18.01
N VAL A 265 -14.37 -10.88 -16.82
CA VAL A 265 -14.22 -9.54 -16.27
C VAL A 265 -13.26 -8.71 -17.14
N ALA A 266 -12.16 -9.33 -17.54
CA ALA A 266 -11.12 -8.66 -18.34
C ALA A 266 -11.66 -8.14 -19.65
N SER A 267 -12.57 -8.91 -20.25
CA SER A 267 -13.12 -8.56 -21.55
C SER A 267 -14.13 -7.42 -21.50
N ASN A 268 -14.73 -7.22 -20.32
CA ASN A 268 -15.72 -6.20 -20.16
C ASN A 268 -15.40 -5.03 -19.23
N SER A 269 -14.21 -5.02 -18.63
CA SER A 269 -13.86 -3.92 -17.74
C SER A 269 -12.65 -3.09 -18.21
N LEU A 270 -11.72 -3.72 -18.92
CA LEU A 270 -10.54 -3.02 -19.42
C LEU A 270 -10.95 -2.28 -20.69
N GLU A 271 -10.52 -1.03 -20.82
CA GLU A 271 -10.91 -0.23 -21.96
C GLU A 271 -9.95 -0.38 -23.14
N ALA A 272 -10.32 0.22 -24.28
CA ALA A 272 -9.42 0.32 -25.41
C ALA A 272 -8.21 1.13 -24.98
N GLY A 273 -7.02 0.57 -25.14
CA GLY A 273 -5.81 1.18 -24.65
C GLY A 273 -5.09 0.25 -23.71
N ASP A 274 -5.83 -0.69 -23.13
CA ASP A 274 -5.23 -1.78 -22.35
C ASP A 274 -4.06 -2.36 -23.14
N HIS A 275 -2.88 -2.43 -22.53
CA HIS A 275 -1.73 -3.00 -23.21
C HIS A 275 -1.78 -4.53 -23.23
N GLY A 276 -2.68 -5.08 -22.44
CA GLY A 276 -2.89 -6.53 -22.37
C GLY A 276 -1.92 -7.26 -21.46
N SER A 277 -1.06 -6.51 -20.81
CA SER A 277 -0.05 -7.04 -19.90
C SER A 277 -0.37 -6.77 -18.43
N THR A 278 0.52 -7.22 -17.56
CA THR A 278 0.38 -7.01 -16.12
C THR A 278 0.47 -5.54 -15.70
N TYR A 279 -0.33 -5.16 -14.71
N TYR A 279 -0.34 -5.15 -14.72
CA TYR A 279 -0.30 -3.80 -14.16
CA TYR A 279 -0.27 -3.83 -14.13
C TYR A 279 0.22 -3.80 -12.71
C TYR A 279 0.42 -3.90 -12.78
N GLY A 280 0.96 -2.76 -12.34
CA GLY A 280 1.45 -2.60 -10.98
C GLY A 280 2.69 -3.41 -10.64
N GLY A 281 3.10 -3.34 -9.38
CA GLY A 281 4.22 -4.14 -8.88
C GLY A 281 5.54 -3.44 -9.09
N ASN A 282 6.61 -4.02 -8.57
CA ASN A 282 7.95 -3.54 -8.82
C ASN A 282 8.87 -4.74 -8.84
N PRO A 283 10.07 -4.55 -9.38
CA PRO A 283 10.97 -5.70 -9.56
C PRO A 283 11.35 -6.39 -8.25
N LEU A 284 11.55 -5.63 -7.16
CA LEU A 284 11.88 -6.27 -5.88
C LEU A 284 10.78 -7.19 -5.34
N VAL A 285 9.57 -6.68 -5.16
CA VAL A 285 8.53 -7.47 -4.55
C VAL A 285 8.12 -8.61 -5.49
N CYS A 286 8.15 -8.37 -6.79
CA CYS A 286 7.84 -9.45 -7.72
C CYS A 286 8.92 -10.54 -7.74
N ALA A 287 10.19 -10.16 -7.58
CA ALA A 287 11.24 -11.16 -7.34
C ALA A 287 10.90 -11.97 -6.07
N GLY A 288 10.36 -11.29 -5.07
CA GLY A 288 9.91 -12.00 -3.87
C GLY A 288 8.78 -12.97 -4.16
N VAL A 289 7.78 -12.53 -4.92
CA VAL A 289 6.65 -13.40 -5.26
C VAL A 289 7.17 -14.64 -5.97
N ASN A 290 8.05 -14.44 -6.96
CA ASN A 290 8.59 -15.59 -7.69
C ASN A 290 9.31 -16.53 -6.75
N ALA A 291 10.05 -15.97 -5.81
CA ALA A 291 10.77 -16.77 -4.81
C ALA A 291 9.83 -17.62 -3.99
N VAL A 292 8.74 -17.02 -3.51
CA VAL A 292 7.72 -17.75 -2.74
C VAL A 292 7.19 -18.97 -3.49
N PHE A 293 6.73 -18.76 -4.72
CA PHE A 293 6.28 -19.88 -5.53
C PHE A 293 7.36 -20.94 -5.75
N GLU A 294 8.58 -20.51 -6.05
CA GLU A 294 9.62 -21.48 -6.32
C GLU A 294 9.95 -22.31 -5.08
N ILE A 295 10.00 -21.63 -3.94
CA ILE A 295 10.31 -22.31 -2.69
C ILE A 295 9.15 -23.21 -2.25
N PHE A 296 7.92 -22.73 -2.39
CA PHE A 296 6.75 -23.58 -2.09
C PHE A 296 6.86 -24.88 -2.87
N LYS A 297 7.29 -24.81 -4.12
CA LYS A 297 7.37 -26.00 -4.95
C LYS A 297 8.51 -26.91 -4.53
N GLU A 298 9.70 -26.34 -4.37
CA GLU A 298 10.88 -27.11 -4.02
C GLU A 298 10.74 -27.79 -2.66
N GLU A 299 10.28 -27.04 -1.66
CA GLU A 299 10.17 -27.56 -0.31
C GLU A 299 8.83 -28.25 -0.04
N LYS A 300 8.01 -28.37 -1.07
CA LYS A 300 6.73 -29.08 -0.96
C LYS A 300 5.91 -28.56 0.23
N ILE A 301 5.69 -27.25 0.24
CA ILE A 301 5.05 -26.58 1.36
C ILE A 301 3.57 -26.92 1.47
N LEU A 302 2.86 -26.98 0.34
CA LEU A 302 1.46 -27.43 0.39
C LEU A 302 1.36 -28.81 1.02
N GLU A 303 2.24 -29.71 0.60
CA GLU A 303 2.27 -31.07 1.14
C GLU A 303 2.50 -31.03 2.64
N ASN A 304 3.43 -30.17 3.07
CA ASN A 304 3.68 -30.03 4.50
C ASN A 304 2.43 -29.60 5.28
N VAL A 305 1.71 -28.61 4.77
CA VAL A 305 0.50 -28.18 5.46
C VAL A 305 -0.53 -29.32 5.52
N ASN A 306 -0.71 -30.03 4.41
CA ASN A 306 -1.68 -31.12 4.39
C ASN A 306 -1.27 -32.27 5.29
N LYS A 307 0.03 -32.49 5.40
CA LYS A 307 0.55 -33.57 6.23
C LYS A 307 0.37 -33.28 7.71
N LEU A 308 0.49 -32.03 8.09
CA LEU A 308 0.55 -31.65 9.50
C LEU A 308 -0.76 -31.07 10.02
N THR A 309 -1.67 -30.69 9.12
CA THR A 309 -2.95 -30.15 9.58
C THR A 309 -3.71 -31.08 10.51
N PRO A 310 -3.77 -32.39 10.20
CA PRO A 310 -4.50 -33.26 11.13
C PRO A 310 -3.88 -33.27 12.54
N TYR A 311 -2.56 -33.22 12.62
CA TYR A 311 -1.89 -33.22 13.92
C TYR A 311 -2.14 -31.91 14.66
N LEU A 312 -2.14 -30.80 13.91
CA LEU A 312 -2.40 -29.49 14.51
C LEU A 312 -3.79 -29.46 15.11
N GLU A 313 -4.78 -29.91 14.33
CA GLU A 313 -6.17 -29.94 14.80
C GLU A 313 -6.34 -30.90 15.98
N GLN A 314 -5.74 -32.08 15.88
CA GLN A 314 -5.76 -33.04 17.00
C GLN A 314 -5.22 -32.42 18.28
N SER A 315 -4.09 -31.73 18.16
CA SER A 315 -3.43 -31.16 19.34
C SER A 315 -4.28 -30.05 19.97
N LEU A 316 -4.93 -29.26 19.14
CA LEU A 316 -5.81 -28.22 19.65
C LEU A 316 -7.05 -28.85 20.28
N ASP A 317 -7.56 -29.91 19.67
CA ASP A 317 -8.75 -30.58 20.23
C ASP A 317 -8.46 -31.21 21.58
N GLU A 318 -7.22 -31.65 21.77
CA GLU A 318 -6.82 -32.23 23.05
C GLU A 318 -6.85 -31.18 24.16
N LEU A 319 -6.46 -29.95 23.83
CA LEU A 319 -6.52 -28.88 24.79
C LEU A 319 -7.96 -28.50 25.12
N ILE A 320 -8.82 -28.51 24.11
CA ILE A 320 -10.25 -28.31 24.33
C ILE A 320 -10.77 -29.35 25.30
N ASN A 321 -10.31 -30.60 25.17
CA ASN A 321 -10.80 -31.64 26.07
C ASN A 321 -10.31 -31.43 27.51
N GLU A 322 -9.09 -30.93 27.63
CA GLU A 322 -8.44 -30.80 28.93
CA GLU A 322 -8.42 -30.80 28.92
C GLU A 322 -8.92 -29.61 29.74
N PHE A 323 -9.44 -28.59 29.07
CA PHE A 323 -9.81 -27.34 29.74
C PHE A 323 -11.24 -26.90 29.41
N ASP A 324 -12.10 -26.93 30.42
CA ASP A 324 -13.52 -26.62 30.21
C ASP A 324 -13.74 -25.29 29.52
N PHE A 325 -12.90 -24.31 29.81
CA PHE A 325 -13.11 -22.95 29.28
C PHE A 325 -12.64 -22.79 27.84
N CYS A 326 -12.01 -23.83 27.31
CA CYS A 326 -11.67 -23.86 25.89
C CYS A 326 -12.81 -24.51 25.16
N LYS A 327 -13.45 -23.76 24.27
CA LYS A 327 -14.76 -24.18 23.78
C LYS A 327 -14.79 -24.95 22.46
N LYS A 328 -14.49 -24.27 21.36
CA LYS A 328 -14.69 -24.86 20.05
C LYS A 328 -13.53 -24.46 19.15
N ARG A 329 -13.06 -25.41 18.37
CA ARG A 329 -12.02 -25.07 17.40
C ARG A 329 -12.66 -25.03 16.01
N LYS A 330 -12.27 -24.04 15.21
CA LYS A 330 -12.71 -23.98 13.82
C LYS A 330 -11.50 -23.58 13.00
N GLY A 331 -11.47 -24.00 11.75
CA GLY A 331 -10.34 -23.60 10.94
C GLY A 331 -10.18 -24.41 9.68
N LEU A 332 -9.15 -24.05 8.93
CA LEU A 332 -8.84 -24.69 7.67
C LEU A 332 -7.31 -24.69 7.54
N GLY A 333 -6.73 -25.87 7.40
CA GLY A 333 -5.27 -25.97 7.28
C GLY A 333 -4.56 -25.32 8.45
N PHE A 334 -3.60 -24.45 8.17
CA PHE A 334 -2.85 -23.77 9.22
C PHE A 334 -3.49 -22.44 9.62
N GLN A 336 -6.31 -21.56 12.24
CA GLN A 336 -7.17 -22.16 13.24
C GLN A 336 -7.54 -21.15 14.32
N GLY A 337 -8.71 -21.34 14.92
CA GLY A 337 -9.17 -20.50 16.01
C GLY A 337 -9.76 -21.33 17.13
N LEU A 338 -9.60 -20.84 18.36
CA LEU A 338 -10.16 -21.52 19.53
C LEU A 338 -10.88 -20.52 20.42
N SER A 339 -12.17 -20.71 20.63
CA SER A 339 -12.92 -19.76 21.46
C SER A 339 -12.76 -20.08 22.95
N LEU A 340 -12.64 -19.04 23.77
CA LEU A 340 -12.52 -19.19 25.22
C LEU A 340 -13.73 -18.59 25.93
N ASP A 341 -14.17 -19.26 27.00
CA ASP A 341 -15.20 -18.71 27.89
C ASP A 341 -14.85 -17.32 28.38
N LYS A 342 -15.88 -16.52 28.65
CA LYS A 342 -15.69 -15.20 29.21
C LYS A 342 -15.00 -15.24 30.58
N SER A 343 -14.99 -16.41 31.22
CA SER A 343 -14.35 -16.53 32.54
C SER A 343 -12.84 -16.38 32.47
N VAL A 344 -12.29 -16.47 31.26
CA VAL A 344 -10.85 -16.30 31.05
C VAL A 344 -10.61 -15.28 29.93
N LYS A 345 -9.82 -14.25 30.22
CA LYS A 345 -9.55 -13.20 29.23
C LYS A 345 -8.47 -13.64 28.23
N VAL A 346 -8.79 -13.60 26.94
CA VAL A 346 -7.82 -14.05 25.92
C VAL A 346 -6.50 -13.26 25.98
N ALA A 347 -6.56 -11.96 26.28
CA ALA A 347 -5.34 -11.16 26.35
C ALA A 347 -4.41 -11.68 27.44
N LYS A 348 -4.99 -12.18 28.52
CA LYS A 348 -4.20 -12.72 29.63
C LYS A 348 -3.62 -14.08 29.27
N VAL A 349 -4.37 -14.89 28.52
CA VAL A 349 -3.81 -16.15 28.05
C VAL A 349 -2.61 -15.86 27.14
N ILE A 350 -2.73 -14.83 26.32
CA ILE A 350 -1.69 -14.48 25.36
C ILE A 350 -0.45 -14.00 26.11
N GLN A 351 -0.67 -13.24 27.18
CA GLN A 351 0.43 -12.76 28.01
C GLN A 351 1.18 -13.92 28.63
N LYS A 352 0.46 -14.90 29.17
CA LYS A 352 1.11 -16.08 29.77
C LYS A 352 1.88 -16.85 28.72
N CYS A 353 1.32 -16.97 27.52
CA CYS A 353 2.04 -17.68 26.46
C CYS A 353 3.37 -17.01 26.13
N GLN A 354 3.34 -15.68 26.04
CA GLN A 354 4.56 -14.93 25.74
C GLN A 354 5.61 -15.16 26.82
N GLU A 355 5.18 -15.17 28.07
CA GLU A 355 6.06 -15.52 29.18
C GLU A 355 6.63 -16.90 28.92
N ASN A 356 5.81 -17.79 28.36
CA ASN A 356 6.23 -19.16 28.05
C ASN A 356 6.90 -19.30 26.69
N ALA A 357 7.31 -18.17 26.09
CA ALA A 357 8.02 -18.17 24.82
C ALA A 357 7.20 -18.69 23.65
N LEU A 358 5.91 -18.34 23.62
CA LEU A 358 5.02 -18.69 22.52
C LEU A 358 4.26 -17.44 22.08
N LEU A 359 4.23 -17.15 20.78
CA LEU A 359 3.52 -15.98 20.26
C LEU A 359 2.22 -16.40 19.57
N LEU A 360 1.10 -16.05 20.18
CA LEU A 360 -0.23 -16.26 19.60
C LEU A 360 -0.89 -14.90 19.49
N ILE A 361 -1.98 -14.81 18.74
CA ILE A 361 -2.76 -13.59 18.70
C ILE A 361 -4.23 -13.96 18.92
N SER A 362 -5.11 -12.98 18.84
CA SER A 362 -6.51 -13.24 19.15
C SER A 362 -7.37 -12.81 17.99
N CYS A 363 -8.66 -13.13 18.08
CA CYS A 363 -9.66 -12.64 17.16
C CYS A 363 -11.04 -12.81 17.80
N GLY A 364 -12.08 -12.29 17.16
CA GLY A 364 -13.42 -12.51 17.65
C GLY A 364 -13.62 -11.97 19.06
N GLU A 365 -14.57 -12.54 19.79
CA GLU A 365 -14.95 -12.01 21.09
C GLU A 365 -13.87 -12.25 22.12
N ASN A 366 -13.30 -13.45 22.08
CA ASN A 366 -12.40 -13.88 23.12
C ASN A 366 -11.71 -15.15 22.63
N ASP A 367 -11.15 -15.09 21.42
CA ASP A 367 -10.67 -16.29 20.78
C ASP A 367 -9.17 -16.23 20.52
N LEU A 368 -8.49 -17.37 20.66
CA LEU A 368 -7.10 -17.50 20.25
C LEU A 368 -7.06 -17.79 18.75
N ARG A 369 -6.09 -17.22 18.07
CA ARG A 369 -5.91 -17.44 16.64
C ARG A 369 -4.54 -18.04 16.41
N PHE A 370 -4.49 -19.08 15.59
CA PHE A 370 -3.24 -19.77 15.32
C PHE A 370 -2.92 -19.67 13.85
N LEU A 371 -1.79 -19.03 13.51
CA LEU A 371 -1.39 -18.88 12.12
C LEU A 371 0.12 -19.18 11.98
N PRO A 372 0.51 -20.44 12.24
CA PRO A 372 1.93 -20.78 12.22
C PRO A 372 2.55 -20.66 10.81
N PRO A 373 3.86 -20.43 10.75
CA PRO A 373 4.54 -20.48 9.46
C PRO A 373 4.29 -21.81 8.76
N LEU A 374 4.26 -21.81 7.44
CA LEU A 374 3.97 -23.04 6.71
C LEU A 374 5.11 -24.04 6.69
N ILE A 375 6.31 -23.61 7.12
CA ILE A 375 7.47 -24.49 7.21
C ILE A 375 7.48 -25.26 8.54
N LEU A 376 6.41 -25.13 9.29
CA LEU A 376 6.30 -25.76 10.61
C LEU A 376 6.59 -27.27 10.58
N GLN A 377 7.20 -27.76 11.65
CA GLN A 377 7.40 -29.20 11.85
C GLN A 377 6.53 -29.73 12.97
N LYS A 378 6.37 -31.05 13.01
CA LYS A 378 5.56 -31.67 14.05
C LYS A 378 6.08 -31.31 15.44
N GLU A 379 7.41 -31.27 15.58
CA GLU A 379 8.03 -30.89 16.85
C GLU A 379 7.55 -29.53 17.37
N HIS A 380 7.29 -28.60 16.45
CA HIS A 380 6.87 -27.26 16.84
C HIS A 380 5.41 -27.28 17.31
N ILE A 381 4.63 -28.20 16.76
CA ILE A 381 3.25 -28.31 17.23
C ILE A 381 3.29 -28.80 18.67
N ASP A 382 4.17 -29.77 18.96
CA ASP A 382 4.31 -30.26 20.33
C ASP A 382 4.82 -29.17 21.25
N GLU A 383 5.76 -28.36 20.78
CA GLU A 383 6.29 -27.25 21.57
C GLU A 383 5.19 -26.23 21.87
N SER A 385 2.02 -26.89 21.97
CA SER A 385 1.04 -27.51 22.87
C SER A 385 1.53 -27.48 24.32
N GLU A 386 2.81 -27.77 24.51
CA GLU A 386 3.43 -27.72 25.83
C GLU A 386 3.33 -26.34 26.46
N LYS A 387 3.66 -25.31 25.68
CA LYS A 387 3.69 -23.95 26.19
C LYS A 387 2.28 -23.42 26.43
N LEU A 388 1.36 -23.73 25.53
CA LEU A 388 0.00 -23.28 25.68
C LEU A 388 -0.65 -24.04 26.84
N ARG A 389 -0.33 -25.32 26.97
CA ARG A 389 -0.90 -26.07 28.09
C ARG A 389 -0.45 -25.48 29.43
N LYS A 390 0.83 -25.13 29.53
CA LYS A 390 1.35 -24.56 30.76
C LYS A 390 0.59 -23.27 31.11
N ALA A 391 0.33 -22.46 30.09
CA ALA A 391 -0.43 -21.22 30.27
C ALA A 391 -1.85 -21.50 30.77
N LEU A 392 -2.55 -22.41 30.11
CA LEU A 392 -3.95 -22.71 30.44
C LEU A 392 -4.11 -23.30 31.83
N LYS A 393 -3.11 -24.04 32.29
CA LYS A 393 -3.16 -24.67 33.61
C LYS A 393 -3.18 -23.64 34.72
N SER A 394 -2.72 -22.44 34.43
CA SER A 394 -2.62 -21.41 35.46
C SER A 394 -3.95 -20.70 35.67
N PHE A 395 -4.93 -21.00 34.82
CA PHE A 395 -6.25 -20.37 34.94
C PHE A 395 -7.27 -21.25 35.67
N LYS B 16 -0.35 4.07 -19.57
CA LYS B 16 0.54 3.91 -20.72
C LYS B 16 1.75 3.06 -20.35
N ARG B 17 2.43 2.54 -21.37
CA ARG B 17 3.65 1.78 -21.14
C ARG B 17 4.57 1.86 -22.35
N PHE B 18 5.85 2.17 -22.09
CA PHE B 18 6.86 2.22 -23.14
C PHE B 18 7.29 0.79 -23.50
N ASP B 19 7.77 0.62 -24.72
CA ASP B 19 8.26 -0.69 -25.18
C ASP B 19 9.72 -0.87 -24.78
N ILE B 20 9.98 -0.75 -23.49
CA ILE B 20 11.33 -0.87 -22.96
C ILE B 20 11.27 -1.76 -21.73
N VAL B 21 12.08 -2.80 -21.72
CA VAL B 21 12.22 -3.68 -20.57
C VAL B 21 13.46 -3.27 -19.79
N LEU B 22 13.26 -2.74 -18.58
CA LEU B 22 14.40 -2.31 -17.78
C LEU B 22 14.93 -3.48 -16.97
N GLU B 23 16.25 -3.61 -16.93
CA GLU B 23 16.87 -4.75 -16.26
C GLU B 23 17.70 -4.36 -15.04
N LYS B 24 18.46 -3.29 -15.15
CA LYS B 24 19.32 -2.85 -14.06
C LYS B 24 19.70 -1.39 -14.22
N GLY B 25 20.41 -0.86 -13.23
CA GLY B 25 20.82 0.53 -13.28
C GLY B 25 22.10 0.72 -12.51
N GLN B 26 22.77 1.83 -12.78
CA GLN B 26 23.92 2.23 -11.98
C GLN B 26 24.04 3.74 -11.99
N GLY B 27 24.00 4.34 -10.81
CA GLY B 27 24.04 5.79 -10.70
C GLY B 27 22.78 6.40 -11.28
N VAL B 28 22.95 7.34 -12.20
CA VAL B 28 21.80 7.96 -12.86
C VAL B 28 21.44 7.26 -14.17
N TYR B 29 22.06 6.11 -14.43
CA TYR B 29 21.80 5.39 -15.67
C TYR B 29 20.99 4.11 -15.49
N LEU B 30 20.10 3.84 -16.45
CA LEU B 30 19.32 2.60 -16.48
C LEU B 30 19.68 1.81 -17.73
N PHE B 31 19.58 0.49 -17.64
CA PHE B 31 19.91 -0.37 -18.76
C PHE B 31 18.74 -1.27 -19.13
N ASP B 32 18.44 -1.37 -20.42
CA ASP B 32 17.37 -2.26 -20.85
C ASP B 32 17.85 -3.69 -21.09
N ASP B 33 16.97 -4.56 -21.57
CA ASP B 33 17.29 -5.98 -21.67
C ASP B 33 18.21 -6.27 -22.85
N LYS B 34 18.59 -5.22 -23.58
CA LYS B 34 19.56 -5.33 -24.66
C LYS B 34 20.84 -4.60 -24.29
N ALA B 35 20.95 -4.26 -23.01
CA ALA B 35 22.13 -3.58 -22.46
C ALA B 35 22.30 -2.15 -23.00
N LYS B 36 21.22 -1.57 -23.53
CA LYS B 36 21.31 -0.18 -23.94
C LYS B 36 21.28 0.70 -22.71
N LYS B 37 22.15 1.71 -22.69
CA LYS B 37 22.28 2.59 -21.52
C LYS B 37 21.49 3.90 -21.72
N TYR B 38 20.61 4.22 -20.76
CA TYR B 38 19.85 5.46 -20.85
C TYR B 38 20.16 6.35 -19.67
N LEU B 39 20.18 7.65 -19.92
CA LEU B 39 20.28 8.59 -18.83
C LEU B 39 18.86 8.72 -18.29
N ASP B 40 18.70 8.51 -16.99
CA ASP B 40 17.38 8.57 -16.39
C ASP B 40 17.12 9.97 -15.86
N PHE B 41 16.15 10.66 -16.45
CA PHE B 41 15.78 11.99 -15.98
C PHE B 41 14.40 11.99 -15.33
N SER B 42 13.89 10.79 -15.04
CA SER B 42 12.58 10.63 -14.41
C SER B 42 12.57 9.97 -13.01
N SER B 43 13.64 9.27 -12.64
CA SER B 43 13.73 8.63 -11.34
CA SER B 43 13.76 8.59 -11.36
C SER B 43 12.59 7.67 -11.03
N GLY B 44 12.01 7.06 -12.06
CA GLY B 44 10.90 6.14 -11.86
C GLY B 44 9.68 6.91 -11.37
N ILE B 45 9.53 8.10 -11.94
CA ILE B 45 8.53 9.09 -11.52
C ILE B 45 8.80 9.62 -10.10
N GLY B 46 10.00 10.14 -9.88
CA GLY B 46 10.29 10.85 -8.65
C GLY B 46 10.56 9.98 -7.44
N VAL B 47 10.88 8.72 -7.68
CA VAL B 47 11.05 7.76 -6.59
C VAL B 47 12.53 7.55 -6.24
N CYS B 48 13.34 7.30 -7.25
CA CYS B 48 14.72 6.87 -7.01
C CYS B 48 15.68 8.04 -6.85
N ALA B 49 15.56 8.73 -5.72
CA ALA B 49 16.32 9.95 -5.44
C ALA B 49 17.83 9.71 -5.44
N LEU B 50 18.22 8.51 -5.01
CA LEU B 50 19.64 8.15 -4.94
C LEU B 50 20.08 7.39 -6.18
N GLY B 51 19.27 7.44 -7.23
CA GLY B 51 19.58 6.70 -8.44
C GLY B 51 19.57 5.21 -8.21
N TYR B 52 20.37 4.50 -8.97
CA TYR B 52 20.35 3.06 -8.94
C TYR B 52 21.58 2.39 -8.39
N ASN B 53 21.33 1.34 -7.63
CA ASN B 53 22.39 0.58 -7.02
C ASN B 53 23.36 1.44 -6.24
N HIS B 54 22.82 2.31 -5.40
CA HIS B 54 23.63 3.14 -4.54
C HIS B 54 24.25 2.09 -3.62
N ALA B 55 25.56 2.09 -3.50
CA ALA B 55 26.23 1.01 -2.77
C ALA B 55 25.91 1.00 -1.29
N LYS B 56 25.95 2.18 -0.66
CA LYS B 56 25.68 2.25 0.77
C LYS B 56 24.22 1.97 1.07
N PHE B 57 23.31 2.54 0.27
CA PHE B 57 21.89 2.25 0.46
C PHE B 57 21.62 0.75 0.38
N ASN B 58 22.19 0.11 -0.64
CA ASN B 58 21.96 -1.31 -0.85
C ASN B 58 22.53 -2.15 0.28
N ALA B 59 23.69 -1.76 0.80
CA ALA B 59 24.29 -2.48 1.93
C ALA B 59 23.39 -2.41 3.17
N LYS B 60 22.79 -1.25 3.42
CA LYS B 60 21.87 -1.07 4.55
C LYS B 60 20.61 -1.92 4.40
N ILE B 61 20.09 -1.99 3.17
CA ILE B 61 18.92 -2.80 2.89
C ILE B 61 19.22 -4.28 3.10
N LYS B 62 20.33 -4.75 2.52
CA LYS B 62 20.65 -6.17 2.62
C LYS B 62 20.95 -6.57 4.07
N ALA B 63 21.52 -5.64 4.83
CA ALA B 63 21.75 -5.90 6.26
C ALA B 63 20.44 -6.19 6.97
N GLN B 64 19.39 -5.44 6.63
CA GLN B 64 18.12 -5.64 7.31
C GLN B 64 17.41 -6.89 6.80
N VAL B 65 17.61 -7.21 5.53
CA VAL B 65 17.06 -8.46 5.00
C VAL B 65 17.53 -9.65 5.83
N ASP B 66 18.80 -9.59 6.25
CA ASP B 66 19.41 -10.63 7.09
C ASP B 66 18.92 -10.67 8.54
N LYS B 67 18.11 -9.70 8.94
CA LYS B 67 17.60 -9.64 10.30
C LYS B 67 16.12 -9.96 10.37
N LEU B 68 15.30 -9.11 9.77
CA LEU B 68 13.85 -9.26 9.88
C LEU B 68 13.16 -8.39 8.85
N LEU B 69 12.22 -8.97 8.09
CA LEU B 69 11.49 -8.18 7.09
C LEU B 69 10.20 -7.58 7.64
N HIS B 70 9.56 -8.29 8.57
CA HIS B 70 8.19 -7.98 8.95
C HIS B 70 7.86 -8.40 10.38
N THR B 71 7.18 -7.52 11.12
CA THR B 71 6.76 -7.86 12.47
C THR B 71 5.24 -7.87 12.69
N SER B 72 4.53 -7.09 11.89
CA SER B 72 3.14 -6.67 12.15
C SER B 72 3.15 -5.56 13.17
N ASN B 73 2.04 -4.82 13.23
CA ASN B 73 1.95 -3.67 14.11
C ASN B 73 1.68 -4.04 15.56
N LEU B 74 1.59 -5.33 15.86
CA LEU B 74 1.40 -5.77 17.24
C LEU B 74 2.69 -5.72 18.07
N TYR B 75 3.83 -5.62 17.39
CA TYR B 75 5.12 -5.59 18.07
C TYR B 75 5.86 -4.33 17.70
N TYR B 76 6.90 -4.05 18.48
CA TYR B 76 7.77 -2.90 18.23
C TYR B 76 9.02 -3.33 17.47
N ASN B 77 9.65 -2.38 16.80
CA ASN B 77 10.94 -2.66 16.16
C ASN B 77 11.74 -1.36 16.10
N GLU B 78 13.03 -1.47 16.44
CA GLU B 78 13.87 -0.27 16.54
C GLU B 78 13.96 0.52 15.24
N ASN B 79 13.96 -0.17 14.09
CA ASN B 79 14.08 0.53 12.82
C ASN B 79 12.90 1.47 12.60
N ILE B 80 11.70 1.00 12.95
CA ILE B 80 10.51 1.80 12.76
C ILE B 80 10.52 3.04 13.67
N ALA B 81 10.88 2.86 14.94
CA ALA B 81 10.93 3.99 15.85
C ALA B 81 11.91 5.06 15.35
N ALA B 82 13.06 4.62 14.86
CA ALA B 82 14.10 5.54 14.39
C ALA B 82 13.68 6.26 13.10
N ALA B 83 13.00 5.54 12.23
CA ALA B 83 12.51 6.11 10.96
C ALA B 83 11.46 7.17 11.25
N ALA B 84 10.56 6.89 12.19
CA ALA B 84 9.55 7.86 12.56
C ALA B 84 10.20 9.11 13.13
N LYS B 85 11.19 8.92 13.99
CA LYS B 85 11.93 10.03 14.58
C LYS B 85 12.60 10.87 13.49
N ASN B 86 13.21 10.22 12.51
CA ASN B 86 13.87 10.93 11.42
C ASN B 86 12.86 11.74 10.61
N LEU B 87 11.74 11.12 10.27
CA LEU B 87 10.73 11.81 9.46
C LEU B 87 10.04 12.95 10.23
N ALA B 88 9.75 12.73 11.50
CA ALA B 88 9.16 13.77 12.33
C ALA B 88 10.06 15.00 12.42
N LYS B 89 11.36 14.77 12.53
CA LYS B 89 12.32 15.87 12.59
C LYS B 89 12.45 16.59 11.25
N ALA B 90 12.57 15.83 10.17
CA ALA B 90 12.71 16.45 8.84
C ALA B 90 11.46 17.23 8.43
N SER B 91 10.29 16.67 8.74
CA SER B 91 9.00 17.30 8.47
C SER B 91 8.68 18.48 9.41
N ALA B 92 9.23 18.45 10.61
CA ALA B 92 8.93 19.44 11.64
C ALA B 92 7.55 19.22 12.26
N LEU B 93 7.03 17.99 12.14
CA LEU B 93 5.74 17.62 12.69
C LEU B 93 5.90 16.54 13.75
N GLU B 94 4.92 16.44 14.63
CA GLU B 94 4.97 15.57 15.80
C GLU B 94 4.96 14.03 15.70
N ARG B 95 4.06 13.46 14.91
CA ARG B 95 3.89 12.01 14.88
C ARG B 95 3.77 11.44 13.48
N VAL B 96 4.38 10.27 13.29
CA VAL B 96 4.46 9.63 12.00
C VAL B 96 3.72 8.33 12.00
N PHE B 97 2.95 8.12 10.96
CA PHE B 97 2.25 6.88 10.74
C PHE B 97 2.60 6.31 9.37
N PHE B 98 3.30 5.19 9.38
CA PHE B 98 3.78 4.59 8.13
C PHE B 98 2.70 3.77 7.44
N THR B 99 2.72 3.80 6.11
CA THR B 99 1.80 3.03 5.28
C THR B 99 2.64 2.35 4.20
N ASN B 100 1.98 1.67 3.26
CA ASN B 100 2.69 0.99 2.18
C ASN B 100 2.80 1.83 0.90
N SER B 101 2.16 2.99 0.88
CA SER B 101 2.11 3.74 -0.36
C SER B 101 1.61 5.15 -0.18
N GLY B 102 1.83 5.96 -1.21
CA GLY B 102 1.33 7.32 -1.25
C GLY B 102 -0.18 7.37 -1.10
N THR B 103 -0.88 6.55 -1.88
CA THR B 103 -2.34 6.59 -1.81
C THR B 103 -2.85 6.14 -0.43
N GLU B 104 -2.20 5.16 0.19
CA GLU B 104 -2.60 4.79 1.55
C GLU B 104 -2.39 5.92 2.54
N SER B 105 -1.33 6.71 2.34
CA SER B 105 -1.06 7.86 3.22
C SER B 105 -2.14 8.93 3.11
N ILE B 106 -2.59 9.17 1.89
CA ILE B 106 -3.69 10.11 1.63
C ILE B 106 -4.96 9.63 2.33
N GLU B 107 -5.24 8.34 2.20
CA GLU B 107 -6.41 7.78 2.87
C GLU B 107 -6.29 7.99 4.38
N GLY B 108 -5.12 7.71 4.93
CA GLY B 108 -4.91 7.92 6.37
C GLY B 108 -5.09 9.37 6.79
N ALA B 109 -4.62 10.29 5.96
CA ALA B 109 -4.75 11.73 6.26
C ALA B 109 -6.20 12.16 6.24
N LYS B 111 -8.84 10.21 6.82
CA LYS B 111 -9.53 9.63 7.96
C LYS B 111 -9.19 10.43 9.22
N THR B 112 -7.92 10.79 9.34
CA THR B 112 -7.47 11.56 10.49
C THR B 112 -8.17 12.93 10.54
N ALA B 113 -8.31 13.56 9.39
CA ALA B 113 -9.00 14.85 9.31
C ALA B 113 -10.48 14.74 9.67
N ARG B 114 -11.14 13.71 9.17
CA ARG B 114 -12.55 13.51 9.50
C ARG B 114 -12.76 13.24 10.97
N LYS B 115 -11.88 12.41 11.53
CA LYS B 115 -11.95 12.08 12.94
C LYS B 115 -11.72 13.31 13.81
N TYR B 116 -10.78 14.15 13.37
CA TYR B 116 -10.49 15.38 14.11
C TYR B 116 -11.76 16.22 14.22
N ALA B 117 -12.46 16.40 13.11
CA ALA B 117 -13.66 17.20 13.08
C ALA B 117 -14.76 16.50 13.85
N PHE B 118 -14.85 15.19 13.66
CA PHE B 118 -15.83 14.36 14.35
C PHE B 118 -15.76 14.54 15.87
N ASN B 119 -14.54 14.53 16.42
CA ASN B 119 -14.34 14.74 17.85
C ASN B 119 -14.70 16.15 18.32
N LYS B 120 -14.63 17.11 17.41
CA LYS B 120 -15.00 18.49 17.71
C LYS B 120 -16.51 18.67 17.58
N GLY B 121 -17.21 17.58 17.27
CA GLY B 121 -18.66 17.61 17.13
C GLY B 121 -19.16 17.78 15.70
N VAL B 122 -18.25 17.82 14.74
CA VAL B 122 -18.62 18.03 13.34
C VAL B 122 -18.62 16.72 12.56
N LYS B 123 -19.82 16.24 12.24
CA LYS B 123 -19.94 14.95 11.58
C LYS B 123 -19.82 15.11 10.06
N GLY B 124 -19.19 14.13 9.42
CA GLY B 124 -19.07 14.11 7.98
C GLY B 124 -18.26 15.28 7.42
N GLY B 125 -17.08 15.49 7.99
CA GLY B 125 -16.21 16.58 7.55
C GLY B 125 -15.98 16.56 6.06
N GLN B 126 -15.99 17.75 5.45
CA GLN B 126 -15.76 17.88 4.02
C GLN B 126 -14.33 18.30 3.69
N PHE B 127 -13.94 18.05 2.44
CA PHE B 127 -12.59 18.35 1.96
C PHE B 127 -12.64 19.33 0.82
N ILE B 128 -11.70 20.27 0.83
CA ILE B 128 -11.45 21.10 -0.33
C ILE B 128 -10.13 20.68 -0.98
N ALA B 129 -10.21 20.21 -2.22
CA ALA B 129 -9.02 19.90 -3.01
C ALA B 129 -8.94 20.89 -4.18
N PHE B 130 -7.97 20.68 -5.08
CA PHE B 130 -7.73 21.66 -6.14
C PHE B 130 -7.78 21.06 -7.53
N LYS B 131 -8.30 21.83 -8.48
CA LYS B 131 -8.32 21.38 -9.86
C LYS B 131 -6.91 21.05 -10.34
N HIS B 132 -6.80 20.04 -11.20
CA HIS B 132 -5.51 19.58 -11.73
C HIS B 132 -4.70 18.84 -10.66
N SER B 133 -5.36 18.42 -9.60
CA SER B 133 -4.66 17.67 -8.55
C SER B 133 -4.70 16.16 -8.83
N PHE B 134 -3.77 15.43 -8.25
CA PHE B 134 -3.85 13.97 -8.24
C PHE B 134 -3.32 13.48 -6.91
N HIS B 135 -4.10 12.64 -6.24
CA HIS B 135 -3.74 12.22 -4.89
C HIS B 135 -3.67 10.70 -4.72
N GLY B 136 -4.21 9.95 -5.66
CA GLY B 136 -4.09 8.50 -5.60
C GLY B 136 -5.27 7.77 -6.20
N ARG B 137 -5.16 6.45 -6.32
CA ARG B 137 -6.12 5.65 -7.07
CA ARG B 137 -6.13 5.66 -7.07
C ARG B 137 -7.13 4.89 -6.19
N THR B 138 -6.87 4.84 -4.88
CA THR B 138 -7.81 4.14 -3.99
C THR B 138 -9.06 5.02 -3.85
N LEU B 139 -10.18 4.45 -3.42
CA LEU B 139 -11.46 5.17 -3.53
C LEU B 139 -11.54 6.51 -2.75
N GLY B 140 -10.86 6.59 -1.62
CA GLY B 140 -10.78 7.83 -0.88
C GLY B 140 -9.95 8.88 -1.59
N ALA B 141 -8.72 8.50 -1.96
CA ALA B 141 -7.80 9.42 -2.62
C ALA B 141 -8.37 9.84 -3.97
N LEU B 142 -9.07 8.93 -4.62
CA LEU B 142 -9.61 9.18 -5.94
C LEU B 142 -10.71 10.24 -5.85
N SER B 143 -11.35 10.32 -4.69
CA SER B 143 -12.38 11.34 -4.47
C SER B 143 -11.77 12.74 -4.48
N LEU B 144 -10.48 12.82 -4.19
CA LEU B 144 -9.80 14.12 -4.12
C LEU B 144 -9.20 14.52 -5.47
N THR B 145 -9.35 13.65 -6.45
CA THR B 145 -8.87 13.90 -7.81
C THR B 145 -9.85 14.78 -8.57
N ALA B 146 -9.32 15.79 -9.23
CA ALA B 146 -10.15 16.84 -9.86
C ALA B 146 -10.96 16.36 -11.08
N ASN B 147 -10.33 15.59 -11.96
CA ASN B 147 -10.94 15.26 -13.25
C ASN B 147 -11.96 14.12 -13.20
N GLU B 148 -13.17 14.43 -13.63
CA GLU B 148 -14.30 13.50 -13.65
C GLU B 148 -14.01 12.23 -14.46
N LYS B 149 -13.01 12.28 -15.31
CA LYS B 149 -12.69 11.15 -16.18
C LYS B 149 -11.90 10.06 -15.46
N TYR B 150 -11.27 10.40 -14.34
CA TYR B 150 -10.63 9.42 -13.49
C TYR B 150 -11.67 8.70 -12.63
N GLN B 151 -12.81 9.35 -12.45
CA GLN B 151 -13.79 8.91 -11.46
C GLN B 151 -15.01 8.23 -12.05
N LYS B 152 -15.41 8.62 -13.25
CA LYS B 152 -16.77 8.37 -13.72
C LYS B 152 -17.34 6.96 -13.45
N PRO B 153 -16.67 5.91 -13.93
CA PRO B 153 -17.28 4.58 -13.79
C PRO B 153 -17.27 4.06 -12.36
N PHE B 154 -16.51 4.70 -11.47
CA PHE B 154 -16.36 4.21 -10.10
C PHE B 154 -17.34 4.88 -9.12
N LYS B 155 -18.07 5.86 -9.60
CA LYS B 155 -19.00 6.61 -8.75
C LYS B 155 -20.14 5.71 -8.23
N PRO B 156 -20.69 6.05 -7.06
CA PRO B 156 -20.36 7.24 -6.25
C PRO B 156 -19.13 7.00 -5.38
N LEU B 157 -18.31 8.04 -5.25
CA LEU B 157 -17.12 7.98 -4.41
C LEU B 157 -17.43 8.61 -3.06
N ILE B 158 -16.40 9.12 -2.39
CA ILE B 158 -16.62 9.75 -1.10
C ILE B 158 -17.25 11.11 -1.30
N SER B 159 -18.40 11.31 -0.67
CA SER B 159 -19.09 12.59 -0.71
C SER B 159 -18.42 13.57 0.22
N GLY B 160 -18.39 14.84 -0.19
CA GLY B 160 -17.91 15.90 0.65
C GLY B 160 -16.63 16.51 0.11
N VAL B 161 -16.42 16.42 -1.20
CA VAL B 161 -15.24 17.02 -1.80
C VAL B 161 -15.63 18.12 -2.78
N LYS B 162 -14.99 19.26 -2.63
CA LYS B 162 -15.18 20.40 -3.52
C LYS B 162 -13.82 20.84 -4.03
N PHE B 163 -13.79 21.43 -5.21
CA PHE B 163 -12.54 21.73 -5.88
C PHE B 163 -12.32 23.21 -6.14
N ALA B 164 -11.22 23.74 -5.60
CA ALA B 164 -10.86 25.14 -5.79
C ALA B 164 -9.86 25.28 -6.93
N LYS B 165 -9.51 26.53 -7.22
CA LYS B 165 -8.48 26.83 -8.20
C LYS B 165 -7.16 27.00 -7.48
N TYR B 166 -6.14 26.32 -8.00
CA TYR B 166 -4.82 26.30 -7.37
C TYR B 166 -4.21 27.70 -7.40
N ASN B 167 -3.57 28.10 -6.30
CA ASN B 167 -3.00 29.45 -6.18
C ASN B 167 -4.02 30.58 -6.18
N ASP B 168 -5.28 30.26 -5.90
CA ASP B 168 -6.35 31.26 -5.89
C ASP B 168 -7.10 31.18 -4.57
N ILE B 169 -6.68 31.99 -3.59
CA ILE B 169 -7.24 31.88 -2.26
C ILE B 169 -8.73 32.20 -2.22
N SER B 170 -9.18 33.08 -3.11
CA SER B 170 -10.58 33.45 -3.18
C SER B 170 -11.49 32.24 -3.47
N SER B 171 -11.06 31.40 -4.40
CA SER B 171 -11.85 30.24 -4.77
C SER B 171 -11.96 29.26 -3.61
N VAL B 172 -10.94 29.26 -2.75
CA VAL B 172 -10.95 28.43 -1.54
C VAL B 172 -11.96 28.97 -0.54
N GLU B 173 -11.90 30.28 -0.29
CA GLU B 173 -12.80 30.90 0.67
C GLU B 173 -14.27 30.65 0.31
N LYS B 174 -14.58 30.72 -0.97
CA LYS B 174 -15.95 30.51 -1.44
C LYS B 174 -16.49 29.11 -1.14
N LEU B 175 -15.58 28.13 -1.02
CA LEU B 175 -15.99 26.75 -0.83
C LEU B 175 -16.07 26.33 0.63
N VAL B 176 -15.46 27.14 1.50
CA VAL B 176 -15.44 26.86 2.92
C VAL B 176 -16.82 26.98 3.54
N ASN B 177 -17.16 26.05 4.42
CA ASN B 177 -18.38 26.14 5.21
C ASN B 177 -18.20 25.45 6.54
N GLU B 178 -19.28 25.37 7.32
CA GLU B 178 -19.23 24.78 8.66
C GLU B 178 -18.81 23.30 8.67
N LYS B 179 -18.89 22.64 7.52
CA LYS B 179 -18.55 21.22 7.46
C LYS B 179 -17.12 20.95 6.97
N THR B 180 -16.44 21.97 6.45
CA THR B 180 -15.09 21.81 5.94
C THR B 180 -14.17 21.38 7.07
N CYS B 181 -13.48 20.25 6.90
CA CYS B 181 -12.58 19.78 7.94
C CYS B 181 -11.12 19.86 7.48
N ALA B 182 -10.91 19.89 6.17
CA ALA B 182 -9.55 19.96 5.63
C ALA B 182 -9.46 20.59 4.24
N ILE B 183 -8.34 21.21 3.98
CA ILE B 183 -7.96 21.71 2.66
C ILE B 183 -6.67 20.98 2.33
N ILE B 184 -6.67 20.26 1.22
CA ILE B 184 -5.50 19.46 0.86
C ILE B 184 -4.92 19.92 -0.46
N LEU B 185 -3.60 20.07 -0.51
CA LEU B 185 -2.95 20.41 -1.78
C LEU B 185 -1.62 19.73 -1.91
N GLU B 186 -1.25 19.43 -3.15
CA GLU B 186 0.13 19.13 -3.47
C GLU B 186 0.92 20.43 -3.38
N SER B 187 2.08 20.41 -2.76
CA SER B 187 2.88 21.64 -2.62
C SER B 187 3.42 22.11 -3.98
N VAL B 188 3.56 21.16 -4.89
CA VAL B 188 3.81 21.43 -6.29
C VAL B 188 2.97 20.45 -7.09
N GLN B 189 1.98 20.94 -7.83
CA GLN B 189 1.17 20.04 -8.64
C GLN B 189 2.05 19.35 -9.69
N GLY B 190 1.89 18.03 -9.80
CA GLY B 190 2.75 17.24 -10.66
C GLY B 190 2.01 16.62 -11.82
N GLU B 191 1.46 15.42 -11.59
CA GLU B 191 0.74 14.68 -12.63
C GLU B 191 -0.17 15.56 -13.49
N GLY B 192 -0.76 16.58 -12.89
CA GLY B 192 -1.69 17.44 -13.59
C GLY B 192 -1.06 18.64 -14.27
N GLY B 193 0.27 18.69 -14.31
CA GLY B 193 1.01 19.80 -14.90
C GLY B 193 1.85 20.52 -13.85
N ILE B 194 3.16 20.59 -14.05
CA ILE B 194 4.04 21.11 -13.00
C ILE B 194 3.67 22.55 -12.63
N ASN B 195 3.28 22.75 -11.38
CA ASN B 195 2.81 24.05 -10.92
C ASN B 195 3.00 24.22 -9.43
N PRO B 196 4.06 24.94 -9.04
CA PRO B 196 4.41 25.15 -7.62
C PRO B 196 3.44 26.07 -6.90
N ALA B 197 3.04 25.71 -5.68
CA ALA B 197 2.25 26.62 -4.84
C ALA B 197 3.06 27.87 -4.56
N ASN B 198 2.43 29.03 -4.75
CA ASN B 198 3.07 30.31 -4.44
C ASN B 198 3.18 30.52 -2.93
N LYS B 199 4.30 31.09 -2.52
CA LYS B 199 4.55 31.43 -1.12
C LYS B 199 3.34 32.11 -0.46
N ASP B 200 2.84 33.18 -1.09
CA ASP B 200 1.74 33.96 -0.53
C ASP B 200 0.44 33.16 -0.39
N PHE B 201 0.20 32.28 -1.37
CA PHE B 201 -0.97 31.43 -1.35
C PHE B 201 -0.88 30.42 -0.20
N TYR B 202 0.30 29.84 0.00
CA TYR B 202 0.51 28.91 1.11
C TYR B 202 0.33 29.60 2.47
N LYS B 203 0.82 30.83 2.60
CA LYS B 203 0.64 31.59 3.83
C LYS B 203 -0.83 31.93 4.07
N ALA B 204 -1.54 32.25 3.00
CA ALA B 204 -2.98 32.56 3.09
C ALA B 204 -3.78 31.33 3.49
N LEU B 205 -3.37 30.16 3.01
CA LEU B 205 -4.01 28.91 3.40
C LEU B 205 -3.79 28.64 4.88
N ARG B 206 -2.55 28.83 5.33
CA ARG B 206 -2.20 28.62 6.73
C ARG B 206 -3.03 29.54 7.62
N LYS B 207 -3.09 30.82 7.25
CA LYS B 207 -3.85 31.79 8.01
C LYS B 207 -5.32 31.39 8.06
N LEU B 208 -5.88 31.07 6.89
CA LEU B 208 -7.28 30.65 6.82
C LEU B 208 -7.56 29.42 7.67
N CYS B 209 -6.70 28.41 7.54
CA CYS B 209 -6.88 27.16 8.30
C CYS B 209 -6.78 27.41 9.81
N ASP B 210 -5.89 28.32 10.20
CA ASP B 210 -5.78 28.73 11.59
C ASP B 210 -7.08 29.35 12.11
N GLU B 211 -7.66 30.25 11.33
CA GLU B 211 -8.83 31.02 11.77
C GLU B 211 -10.12 30.19 11.84
N LYS B 212 -10.23 29.17 11.00
CA LYS B 212 -11.45 28.39 10.92
C LYS B 212 -11.29 27.02 11.56
N ASP B 213 -10.11 26.77 12.14
CA ASP B 213 -9.77 25.45 12.66
C ASP B 213 -10.03 24.39 11.61
N ILE B 214 -9.47 24.62 10.43
CA ILE B 214 -9.52 23.68 9.33
C ILE B 214 -8.11 23.12 9.16
N LEU B 215 -7.99 21.81 8.95
CA LEU B 215 -6.68 21.20 8.84
C LEU B 215 -6.06 21.43 7.47
N LEU B 216 -4.84 21.98 7.46
CA LEU B 216 -4.08 22.12 6.22
C LEU B 216 -3.29 20.83 5.97
N ILE B 217 -3.61 20.15 4.88
CA ILE B 217 -2.90 18.92 4.51
C ILE B 217 -1.99 19.14 3.31
N ALA B 218 -0.68 19.00 3.51
CA ALA B 218 0.29 19.12 2.43
C ALA B 218 0.63 17.74 1.88
N ASP B 219 0.29 17.52 0.62
CA ASP B 219 0.67 16.29 -0.07
C ASP B 219 2.05 16.49 -0.68
N GLU B 220 3.06 15.86 -0.07
CA GLU B 220 4.44 16.01 -0.52
C GLU B 220 4.95 14.72 -1.13
N ILE B 221 4.04 13.85 -1.57
CA ILE B 221 4.41 12.56 -2.16
C ILE B 221 5.33 12.70 -3.36
N GLN B 222 5.03 13.65 -4.24
CA GLN B 222 5.81 13.86 -5.46
C GLN B 222 6.98 14.84 -5.26
N CYS B 223 6.73 15.91 -4.51
CA CYS B 223 7.69 17.02 -4.41
C CYS B 223 8.58 16.98 -3.17
N GLY B 224 8.32 16.03 -2.28
CA GLY B 224 9.03 15.97 -1.00
C GLY B 224 10.28 15.13 -0.99
N GLY B 226 13.41 16.12 -0.43
CA GLY B 226 14.61 16.76 -0.94
C GLY B 226 14.57 17.28 -2.37
N ARG B 227 13.57 16.87 -3.15
CA ARG B 227 13.52 17.27 -4.55
C ARG B 227 13.45 18.79 -4.75
N SER B 228 12.86 19.51 -3.80
CA SER B 228 12.71 20.96 -3.92
C SER B 228 13.95 21.74 -3.46
N GLY B 229 14.93 21.04 -2.92
CA GLY B 229 16.12 21.68 -2.37
C GLY B 229 16.05 21.78 -0.85
N LYS B 230 14.86 21.58 -0.32
CA LYS B 230 14.64 21.44 1.12
C LYS B 230 13.96 20.11 1.33
N PHE B 231 13.92 19.59 2.55
CA PHE B 231 13.25 18.29 2.74
C PHE B 231 11.85 18.29 2.19
N PHE B 232 11.05 19.29 2.57
CA PHE B 232 9.69 19.39 2.04
C PHE B 232 9.42 20.75 1.41
N ALA B 233 8.72 20.73 0.28
CA ALA B 233 8.49 21.96 -0.49
C ALA B 233 7.78 23.07 0.29
N TYR B 234 6.88 22.71 1.21
CA TYR B 234 6.22 23.74 2.02
C TYR B 234 7.20 24.58 2.85
N GLU B 235 8.40 24.07 3.09
CA GLU B 235 9.40 24.84 3.82
C GLU B 235 9.78 26.12 3.08
N HIS B 236 9.60 26.09 1.76
CA HIS B 236 9.90 27.26 0.94
C HIS B 236 8.93 28.40 1.24
N ALA B 237 7.78 28.06 1.79
CA ALA B 237 6.77 29.06 2.16
C ALA B 237 6.84 29.40 3.65
N GLN B 238 7.77 28.77 4.36
CA GLN B 238 7.91 28.96 5.80
C GLN B 238 6.58 28.82 6.55
N ILE B 239 5.79 27.83 6.14
CA ILE B 239 4.60 27.44 6.87
C ILE B 239 4.72 25.97 7.27
N LEU B 240 3.87 25.53 8.20
CA LEU B 240 3.80 24.11 8.53
C LEU B 240 2.36 23.65 8.43
N PRO B 241 2.14 22.51 7.76
CA PRO B 241 0.78 21.97 7.65
C PRO B 241 0.40 21.29 8.95
N ASP B 242 -0.88 20.93 9.07
CA ASP B 242 -1.34 20.15 10.20
C ASP B 242 -1.10 18.66 9.94
N ILE B 243 -1.21 18.27 8.68
CA ILE B 243 -0.91 16.91 8.27
C ILE B 243 -0.12 16.97 6.97
N THR B 245 1.71 14.28 3.80
CA THR B 245 1.90 12.93 3.28
C THR B 245 3.21 12.84 2.52
N SER B 246 3.90 11.72 2.68
CA SER B 246 5.17 11.48 2.00
C SER B 246 5.16 10.05 1.46
N ALA B 247 5.85 9.82 0.35
CA ALA B 247 6.11 8.47 -0.11
C ALA B 247 7.22 8.54 -1.17
N LYS B 248 7.24 7.59 -2.10
CA LYS B 248 8.18 7.64 -3.22
C LYS B 248 9.63 7.75 -2.74
N ALA B 249 10.23 8.94 -2.79
CA ALA B 249 11.61 9.09 -2.36
C ALA B 249 11.83 8.76 -0.89
N LEU B 250 10.74 8.72 -0.12
CA LEU B 250 10.83 8.35 1.29
C LEU B 250 11.55 6.99 1.44
N GLY B 251 11.36 6.11 0.46
CA GLY B 251 11.95 4.78 0.50
C GLY B 251 12.95 4.51 -0.61
N CYS B 252 13.14 5.52 -1.48
CA CYS B 252 14.07 5.45 -2.59
C CYS B 252 14.00 4.12 -3.32
N GLY B 253 12.78 3.64 -3.56
CA GLY B 253 12.60 2.45 -4.36
C GLY B 253 11.85 1.40 -3.58
N LEU B 254 11.94 1.47 -2.25
CA LEU B 254 11.15 0.58 -1.39
C LEU B 254 9.73 1.14 -1.22
N SER B 255 8.74 0.24 -1.19
CA SER B 255 7.34 0.63 -1.04
C SER B 255 7.04 1.11 0.37
N VAL B 256 6.90 2.43 0.56
CA VAL B 256 6.58 2.95 1.87
C VAL B 256 5.94 4.32 1.69
N GLY B 257 5.05 4.66 2.61
CA GLY B 257 4.36 5.93 2.63
C GLY B 257 4.15 6.34 4.07
N ALA B 258 3.85 7.61 4.29
CA ALA B 258 3.58 8.06 5.63
C ALA B 258 2.66 9.27 5.65
N PHE B 259 1.86 9.38 6.71
CA PHE B 259 1.07 10.58 6.91
C PHE B 259 1.56 11.06 8.28
N VAL B 260 1.90 12.34 8.35
CA VAL B 260 2.48 12.92 9.55
C VAL B 260 1.60 14.03 10.08
N ILE B 261 1.38 14.02 11.39
CA ILE B 261 0.50 15.00 12.01
C ILE B 261 1.19 15.85 13.08
N ASN B 262 0.71 17.08 13.23
CA ASN B 262 1.25 18.00 14.22
C ASN B 262 0.67 17.75 15.61
N GLN B 263 1.19 18.46 16.61
CA GLN B 263 0.72 18.29 17.98
CA GLN B 263 0.72 18.29 17.98
C GLN B 263 -0.77 18.56 18.15
N LYS B 264 -1.29 19.55 17.44
CA LYS B 264 -2.70 19.89 17.55
C LYS B 264 -3.57 18.72 17.15
N VAL B 265 -3.20 18.05 16.06
CA VAL B 265 -4.02 16.93 15.60
C VAL B 265 -3.82 15.73 16.51
N ALA B 266 -2.57 15.49 16.89
CA ALA B 266 -2.24 14.37 17.77
C ALA B 266 -2.98 14.45 19.09
N SER B 267 -3.01 15.63 19.68
CA SER B 267 -3.60 15.79 21.00
C SER B 267 -5.14 15.82 20.99
N ASN B 268 -5.74 15.85 19.81
CA ASN B 268 -7.20 15.79 19.68
C ASN B 268 -7.69 14.40 19.31
N SER B 269 -6.75 13.46 19.23
CA SER B 269 -7.08 12.06 19.02
C SER B 269 -6.45 11.21 20.12
N LEU B 270 -7.27 10.41 20.79
CA LEU B 270 -6.79 9.54 21.85
C LEU B 270 -5.71 8.60 21.32
N GLU B 271 -5.95 8.03 20.15
CA GLU B 271 -5.00 7.08 19.57
C GLU B 271 -3.73 7.76 19.06
N ALA B 272 -3.88 8.89 18.39
CA ALA B 272 -2.75 9.57 17.78
C ALA B 272 -1.77 10.19 18.79
N GLY B 273 -2.31 10.73 19.89
CA GLY B 273 -1.50 11.40 20.90
C GLY B 273 -0.75 10.44 21.79
N ASP B 274 -1.25 9.20 21.84
CA ASP B 274 -0.60 8.12 22.56
C ASP B 274 0.80 7.85 21.97
N HIS B 275 1.84 7.94 22.81
CA HIS B 275 3.21 7.79 22.34
C HIS B 275 3.53 6.41 21.77
N GLY B 276 2.84 5.39 22.26
CA GLY B 276 3.08 4.04 21.78
C GLY B 276 2.24 3.62 20.59
N SER B 277 1.62 4.61 19.93
CA SER B 277 0.68 4.29 18.86
C SER B 277 1.38 4.09 17.52
N THR B 278 0.72 3.37 16.62
CA THR B 278 1.29 3.09 15.31
C THR B 278 0.20 2.80 14.31
N TYR B 279 0.56 2.84 13.03
CA TYR B 279 -0.38 2.54 11.97
C TYR B 279 0.09 1.34 11.13
N GLY B 280 1.27 1.51 10.56
CA GLY B 280 1.89 0.55 9.68
C GLY B 280 3.40 0.65 9.72
N GLY B 281 4.04 0.21 8.65
CA GLY B 281 5.49 0.22 8.56
C GLY B 281 6.02 -1.18 8.78
N ASN B 282 7.25 -1.44 8.37
CA ASN B 282 7.89 -2.72 8.68
C ASN B 282 9.39 -2.49 8.81
N PRO B 283 10.11 -3.44 9.41
CA PRO B 283 11.54 -3.23 9.65
C PRO B 283 12.35 -3.01 8.39
N LEU B 284 11.99 -3.70 7.30
CA LEU B 284 12.77 -3.52 6.07
C LEU B 284 12.63 -2.12 5.49
N VAL B 285 11.40 -1.68 5.26
CA VAL B 285 11.25 -0.37 4.62
C VAL B 285 11.71 0.75 5.55
N CYS B 286 11.55 0.56 6.86
CA CYS B 286 11.98 1.60 7.79
C CYS B 286 13.52 1.66 7.92
N ALA B 287 14.20 0.52 7.82
CA ALA B 287 15.66 0.55 7.71
C ALA B 287 16.05 1.34 6.47
N GLY B 288 15.28 1.16 5.39
CA GLY B 288 15.48 1.91 4.17
C GLY B 288 15.29 3.41 4.39
N VAL B 289 14.21 3.78 5.07
CA VAL B 289 13.98 5.19 5.39
C VAL B 289 15.17 5.79 6.16
N ASN B 290 15.64 5.07 7.18
CA ASN B 290 16.80 5.56 7.94
C ASN B 290 18.06 5.71 7.09
N ALA B 291 18.27 4.77 6.17
CA ALA B 291 19.42 4.85 5.26
C ALA B 291 19.32 6.08 4.34
N VAL B 292 18.11 6.35 3.87
CA VAL B 292 17.87 7.52 3.02
C VAL B 292 18.27 8.79 3.76
N PHE B 293 17.76 8.97 4.99
CA PHE B 293 18.14 10.15 5.78
C PHE B 293 19.64 10.24 6.08
N GLU B 294 20.25 9.12 6.42
CA GLU B 294 21.69 9.11 6.71
C GLU B 294 22.51 9.51 5.48
N ILE B 295 22.13 8.96 4.34
CA ILE B 295 22.85 9.22 3.09
C ILE B 295 22.65 10.67 2.61
N PHE B 296 21.41 11.15 2.70
CA PHE B 296 21.11 12.53 2.36
C PHE B 296 22.03 13.49 3.13
N LYS B 297 22.19 13.24 4.42
CA LYS B 297 23.00 14.11 5.26
C LYS B 297 24.48 13.97 4.89
N GLU B 298 24.94 12.73 4.91
CA GLU B 298 26.32 12.38 4.61
C GLU B 298 26.82 12.95 3.28
N GLU B 299 26.00 12.78 2.23
CA GLU B 299 26.38 13.16 0.88
C GLU B 299 25.90 14.56 0.48
N LYS B 300 25.26 15.25 1.42
CA LYS B 300 24.82 16.64 1.19
C LYS B 300 23.93 16.75 -0.04
N ILE B 301 22.91 15.90 -0.09
CA ILE B 301 22.03 15.82 -1.25
C ILE B 301 21.24 17.11 -1.46
N LEU B 302 20.72 17.69 -0.38
CA LEU B 302 19.96 18.93 -0.49
C LEU B 302 20.84 20.04 -1.07
N GLU B 303 22.10 20.08 -0.66
CA GLU B 303 23.02 21.07 -1.20
C GLU B 303 23.25 20.85 -2.69
N ASN B 304 23.32 19.59 -3.10
CA ASN B 304 23.54 19.27 -4.50
C ASN B 304 22.38 19.78 -5.35
N VAL B 305 21.16 19.56 -4.87
CA VAL B 305 19.97 20.04 -5.56
C VAL B 305 19.99 21.56 -5.67
N ASN B 306 20.34 22.24 -4.59
CA ASN B 306 20.39 23.70 -4.62
C ASN B 306 21.51 24.22 -5.50
N LYS B 307 22.64 23.53 -5.50
CA LYS B 307 23.77 23.92 -6.34
C LYS B 307 23.44 23.83 -7.83
N LEU B 308 22.76 22.76 -8.23
CA LEU B 308 22.54 22.46 -9.65
C LEU B 308 21.23 22.97 -10.26
N THR B 309 20.26 23.31 -9.42
CA THR B 309 18.95 23.76 -9.90
C THR B 309 19.03 24.99 -10.83
N PRO B 310 19.84 26.00 -10.47
CA PRO B 310 19.97 27.14 -11.38
C PRO B 310 20.40 26.72 -12.79
N TYR B 311 21.39 25.84 -12.87
CA TYR B 311 21.89 25.38 -14.18
C TYR B 311 20.85 24.52 -14.91
N LEU B 312 20.14 23.68 -14.17
CA LEU B 312 19.05 22.92 -14.76
C LEU B 312 18.00 23.85 -15.38
N GLU B 313 17.56 24.85 -14.62
CA GLU B 313 16.52 25.76 -15.09
C GLU B 313 17.00 26.58 -16.29
N GLN B 314 18.27 27.00 -16.24
CA GLN B 314 18.87 27.76 -17.34
C GLN B 314 18.85 26.95 -18.63
N SER B 315 19.16 25.66 -18.50
CA SER B 315 19.23 24.77 -19.65
C SER B 315 17.87 24.55 -20.32
N LEU B 316 16.82 24.43 -19.52
CA LEU B 316 15.46 24.31 -20.05
C LEU B 316 15.00 25.62 -20.69
N ASP B 317 15.33 26.75 -20.04
CA ASP B 317 15.02 28.06 -20.60
C ASP B 317 15.65 28.25 -21.98
N GLU B 318 16.86 27.73 -22.15
CA GLU B 318 17.57 27.85 -23.42
C GLU B 318 16.87 27.08 -24.55
N LEU B 319 16.06 26.09 -24.18
CA LEU B 319 15.30 25.32 -25.17
C LEU B 319 14.02 26.04 -25.60
N ILE B 320 13.44 26.80 -24.67
CA ILE B 320 12.24 27.58 -24.95
C ILE B 320 12.55 28.70 -25.94
N ASN B 321 13.70 29.33 -25.76
CA ASN B 321 14.13 30.36 -26.69
C ASN B 321 14.39 29.76 -28.06
N GLU B 322 14.93 28.55 -28.08
CA GLU B 322 15.41 27.95 -29.31
C GLU B 322 14.31 27.35 -30.17
N PHE B 323 13.31 26.74 -29.53
CA PHE B 323 12.25 26.04 -30.25
C PHE B 323 10.90 26.73 -30.07
N ASP B 324 10.32 27.17 -31.17
CA ASP B 324 9.05 27.90 -31.13
C ASP B 324 7.96 27.16 -30.36
N PHE B 325 7.94 25.84 -30.44
CA PHE B 325 6.88 25.06 -29.80
C PHE B 325 7.11 24.79 -28.32
N CYS B 326 8.31 25.11 -27.82
CA CYS B 326 8.58 25.01 -26.39
C CYS B 326 8.13 26.30 -25.72
N LYS B 327 7.05 26.22 -24.95
CA LYS B 327 6.40 27.42 -24.46
CA LYS B 327 6.36 27.40 -24.43
C LYS B 327 6.89 27.91 -23.10
N LYS B 328 6.59 27.17 -22.03
CA LYS B 328 6.85 27.67 -20.69
C LYS B 328 7.56 26.68 -19.78
N ARG B 329 8.37 27.21 -18.87
CA ARG B 329 8.97 26.39 -17.83
C ARG B 329 8.45 26.78 -16.46
N LYS B 330 8.04 25.79 -15.68
CA LYS B 330 7.66 26.01 -14.29
C LYS B 330 8.31 24.92 -13.46
N GLY B 331 8.62 25.23 -12.22
CA GLY B 331 9.20 24.20 -11.39
C GLY B 331 9.83 24.69 -10.10
N LEU B 332 10.31 23.74 -9.32
CA LEU B 332 10.96 24.03 -8.06
C LEU B 332 12.03 22.97 -7.85
N GLY B 333 13.29 23.39 -7.72
CA GLY B 333 14.36 22.44 -7.50
C GLY B 333 14.45 21.46 -8.65
N PHE B 334 14.55 20.17 -8.33
CA PHE B 334 14.64 19.11 -9.33
C PHE B 334 13.26 18.61 -9.78
N GLN B 336 10.78 19.87 -12.58
CA GLN B 336 10.61 20.85 -13.62
C GLN B 336 9.67 20.34 -14.72
N GLY B 337 8.96 21.29 -15.33
CA GLY B 337 8.09 20.97 -16.44
C GLY B 337 8.27 21.98 -17.56
N LEU B 338 8.08 21.49 -18.78
CA LEU B 338 8.23 22.33 -19.96
C LEU B 338 7.04 22.03 -20.87
N SER B 339 6.22 23.04 -21.14
CA SER B 339 5.03 22.83 -21.97
C SER B 339 5.35 22.94 -23.45
N LEU B 340 4.68 22.14 -24.26
CA LEU B 340 4.87 22.17 -25.71
C LEU B 340 3.57 22.56 -26.39
N ASP B 341 3.68 23.33 -27.47
CA ASP B 341 2.52 23.67 -28.31
C ASP B 341 1.80 22.42 -28.78
N LYS B 342 0.50 22.56 -29.05
CA LYS B 342 -0.31 21.48 -29.57
C LYS B 342 0.28 20.90 -30.87
N SER B 343 1.11 21.69 -31.54
CA SER B 343 1.68 21.30 -32.83
C SER B 343 2.63 20.11 -32.74
N VAL B 344 3.16 19.86 -31.54
CA VAL B 344 4.08 18.74 -31.34
C VAL B 344 3.65 17.90 -30.16
N LYS B 345 3.32 16.63 -30.41
CA LYS B 345 2.85 15.73 -29.36
C LYS B 345 3.99 15.33 -28.43
N VAL B 346 3.79 15.52 -27.13
CA VAL B 346 4.83 15.20 -26.18
C VAL B 346 5.20 13.71 -26.23
N ALA B 347 4.23 12.84 -26.51
CA ALA B 347 4.53 11.41 -26.55
C ALA B 347 5.62 11.08 -27.57
N LYS B 348 5.62 11.79 -28.69
CA LYS B 348 6.61 11.54 -29.73
C LYS B 348 7.99 12.12 -29.36
N VAL B 349 7.99 13.26 -28.67
CA VAL B 349 9.23 13.84 -28.19
C VAL B 349 9.90 12.88 -27.22
N ILE B 350 9.09 12.29 -26.35
CA ILE B 350 9.55 11.29 -25.39
C ILE B 350 10.12 10.05 -26.08
N GLN B 351 9.44 9.59 -27.14
CA GLN B 351 9.93 8.46 -27.92
C GLN B 351 11.27 8.76 -28.59
N LYS B 352 11.41 9.97 -29.10
CA LYS B 352 12.66 10.39 -29.74
C LYS B 352 13.77 10.48 -28.71
N CYS B 353 13.44 10.96 -27.51
CA CYS B 353 14.43 11.01 -26.44
C CYS B 353 14.90 9.59 -26.05
N GLN B 354 13.99 8.64 -26.02
CA GLN B 354 14.39 7.26 -25.73
C GLN B 354 15.37 6.75 -26.79
N GLU B 355 15.13 7.07 -28.06
CA GLU B 355 16.05 6.70 -29.13
C GLU B 355 17.42 7.27 -28.81
N ASN B 356 17.43 8.51 -28.30
CA ASN B 356 18.68 9.20 -27.98
C ASN B 356 19.19 8.85 -26.60
N ALA B 357 18.62 7.81 -26.00
CA ALA B 357 19.10 7.29 -24.73
C ALA B 357 18.87 8.25 -23.56
N LEU B 358 17.69 8.85 -23.52
CA LEU B 358 17.30 9.75 -22.43
C LEU B 358 15.89 9.39 -22.03
N LEU B 359 15.64 9.27 -20.72
CA LEU B 359 14.32 8.92 -20.22
C LEU B 359 13.61 10.10 -19.58
N LEU B 360 12.59 10.62 -20.27
CA LEU B 360 11.73 11.66 -19.73
C LEU B 360 10.30 11.12 -19.63
N ILE B 361 9.46 11.81 -18.88
CA ILE B 361 8.04 11.49 -18.84
C ILE B 361 7.22 12.73 -19.17
N SER B 362 5.90 12.60 -19.15
CA SER B 362 5.02 13.72 -19.48
C SER B 362 4.11 14.06 -18.31
N CYS B 363 3.42 15.19 -18.44
CA CYS B 363 2.41 15.60 -17.47
C CYS B 363 1.57 16.70 -18.11
N GLY B 364 0.47 17.07 -17.45
CA GLY B 364 -0.38 18.13 -17.95
C GLY B 364 -1.01 17.83 -19.30
N GLU B 365 -1.33 18.87 -20.06
CA GLU B 365 -1.97 18.69 -21.36
C GLU B 365 -1.00 18.15 -22.43
N ASN B 366 0.22 18.68 -22.44
CA ASN B 366 1.20 18.29 -23.44
C ASN B 366 2.61 18.71 -23.01
N ASP B 367 2.99 18.35 -21.78
CA ASP B 367 4.23 18.86 -21.17
C ASP B 367 5.26 17.77 -20.87
N LEU B 368 6.53 18.12 -21.02
CA LEU B 368 7.64 17.27 -20.61
C LEU B 368 7.86 17.45 -19.11
N ARG B 369 8.00 16.35 -18.39
CA ARG B 369 8.23 16.41 -16.94
C ARG B 369 9.64 15.92 -16.62
N PHE B 370 10.38 16.70 -15.84
CA PHE B 370 11.76 16.37 -15.49
C PHE B 370 11.90 16.07 -13.99
N LEU B 371 12.26 14.83 -13.66
CA LEU B 371 12.46 14.45 -12.26
C LEU B 371 13.74 13.65 -12.10
N PRO B 372 14.89 14.32 -12.26
CA PRO B 372 16.18 13.62 -12.22
C PRO B 372 16.50 13.13 -10.81
N PRO B 373 17.31 12.07 -10.70
CA PRO B 373 17.82 11.64 -9.39
C PRO B 373 18.53 12.79 -8.70
N LEU B 374 18.46 12.84 -7.36
CA LEU B 374 19.00 13.96 -6.62
C LEU B 374 20.53 13.88 -6.56
N ILE B 375 21.09 12.75 -6.97
CA ILE B 375 22.53 12.55 -7.07
C ILE B 375 23.09 13.04 -8.42
N LEU B 376 22.26 13.72 -9.19
CA LEU B 376 22.65 14.29 -10.49
C LEU B 376 23.95 15.09 -10.43
N GLN B 377 24.73 15.05 -11.51
CA GLN B 377 25.89 15.93 -11.61
C GLN B 377 25.70 16.90 -12.78
N LYS B 378 26.41 18.03 -12.73
CA LYS B 378 26.27 19.07 -13.74
C LYS B 378 26.43 18.47 -15.14
N GLU B 379 27.39 17.56 -15.25
CA GLU B 379 27.65 16.83 -16.49
C GLU B 379 26.39 16.19 -17.06
N HIS B 380 25.54 15.65 -16.19
CA HIS B 380 24.35 14.94 -16.62
C HIS B 380 23.30 15.88 -17.19
N ILE B 381 23.27 17.12 -16.70
CA ILE B 381 22.37 18.13 -17.26
C ILE B 381 22.77 18.43 -18.71
N ASP B 382 24.07 18.59 -18.95
CA ASP B 382 24.57 18.78 -20.31
C ASP B 382 24.22 17.62 -21.22
N GLU B 383 24.30 16.40 -20.71
CA GLU B 383 23.92 15.21 -21.47
C GLU B 383 22.44 15.24 -21.81
N SER B 385 20.55 17.87 -22.03
CA SER B 385 20.35 18.95 -22.99
C SER B 385 20.67 18.54 -24.42
N GLU B 386 21.80 17.87 -24.60
CA GLU B 386 22.22 17.50 -25.95
C GLU B 386 21.30 16.44 -26.56
N LYS B 387 20.84 15.51 -25.73
CA LYS B 387 19.92 14.47 -26.20
C LYS B 387 18.52 15.02 -26.44
N LEU B 388 18.03 15.88 -25.54
CA LEU B 388 16.72 16.49 -25.73
C LEU B 388 16.73 17.47 -26.91
N ARG B 389 17.78 18.28 -27.04
CA ARG B 389 17.90 19.17 -28.19
C ARG B 389 17.90 18.38 -29.50
N LYS B 390 18.61 17.27 -29.51
CA LYS B 390 18.66 16.41 -30.69
C LYS B 390 17.26 15.96 -31.08
N ALA B 391 16.48 15.53 -30.10
CA ALA B 391 15.09 15.13 -30.32
C ALA B 391 14.23 16.29 -30.83
N LEU B 392 14.33 17.44 -30.15
CA LEU B 392 13.55 18.62 -30.53
C LEU B 392 13.86 19.10 -31.95
N LYS B 393 15.09 18.91 -32.37
CA LYS B 393 15.51 19.37 -33.70
C LYS B 393 14.81 18.57 -34.79
N SER B 394 14.32 17.39 -34.46
CA SER B 394 13.72 16.52 -35.47
C SER B 394 12.27 16.90 -35.80
N PHE B 395 11.69 17.79 -34.99
CA PHE B 395 10.31 18.21 -35.20
C PHE B 395 10.19 19.52 -35.99
#